data_3D2P
#
_entry.id   3D2P
#
_cell.length_a   107.054
_cell.length_b   107.054
_cell.length_c   185.466
_cell.angle_alpha   90.00
_cell.angle_beta   90.00
_cell.angle_gamma   120.00
#
_symmetry.space_group_name_H-M   'P 3 1 2'
#
loop_
_entity.id
_entity.type
_entity.pdbx_description
1 polymer 'Putative acetylglutamate synthase'
2 non-polymer 'COENZYME A'
3 non-polymer ARGININE
4 water water
#
_entity_poly.entity_id   1
_entity_poly.type   'polypeptide(L)'
_entity_poly.pdbx_seq_one_letter_code
;MGSSHHHHHHSSGLVPRGSHMNAPDSFVAHFREAAPYIRQMRGTTLVAGIDGRLLEGGTLNKLAADIGLLSQLGIRLVLI
HGAYHFLDRLAAAQGRTPHYCRGLRVTDETSLGQAQQFAGTVRSRFEAALCGSVSGFARAPSVPLVSGNFLTARPIGVID
GTDMEYAGVIRKTDTAALRFQLDAGNIVWMPPLGHSYGGKTFNLDMVQAAASVAVSLQAEKLVYLTLSDGISRPDGTLAE
TLSAQEAQSLAEHAASETRRLISSAVAALEGGVHRVQILNGAADGSLLQELFTRNGIGTSIAKEAFVSIRQAHSGDIPHI
AALIRPLEEQGILLHRSREYLENHISEFSILEHDGNLYGCAALKTFAEADCGEIACLAVSPQAQDGGYGERLLAHIIDKA
RGIGISRLFALSTNTGEWFAERGFQTASEDELPETRRKDYRSNGRNSHILVRRLHR
;
_entity_poly.pdbx_strand_id   A,B
#
# COMPACT_ATOMS: atom_id res chain seq x y z
N ASP A 25 -38.14 -12.90 11.65
CA ASP A 25 -38.14 -11.90 12.78
C ASP A 25 -38.10 -10.44 12.30
N SER A 26 -38.37 -9.50 13.22
CA SER A 26 -38.51 -8.07 12.89
C SER A 26 -37.16 -7.41 12.70
N PHE A 27 -37.19 -6.28 12.01
CA PHE A 27 -35.99 -5.48 11.81
C PHE A 27 -35.29 -5.12 13.14
N VAL A 28 -36.06 -4.67 14.11
CA VAL A 28 -35.47 -4.18 15.33
C VAL A 28 -34.83 -5.32 16.12
N ALA A 29 -35.39 -6.51 16.01
CA ALA A 29 -34.81 -7.66 16.74
C ALA A 29 -33.46 -7.95 16.07
N HIS A 30 -33.46 -7.93 14.76
CA HIS A 30 -32.23 -8.15 13.99
C HIS A 30 -31.15 -7.08 14.16
N PHE A 31 -31.56 -5.81 14.15
CA PHE A 31 -30.63 -4.71 14.38
C PHE A 31 -30.08 -4.82 15.78
N ARG A 32 -30.93 -5.15 16.77
CA ARG A 32 -30.48 -5.24 18.16
C ARG A 32 -29.35 -6.29 18.37
N GLU A 33 -29.40 -7.40 17.61
CA GLU A 33 -28.45 -8.49 17.83
C GLU A 33 -27.18 -8.16 17.06
N ALA A 34 -27.33 -7.40 15.99
CA ALA A 34 -26.22 -7.10 15.07
C ALA A 34 -25.36 -5.94 15.56
N ALA A 35 -25.98 -4.97 16.22
CA ALA A 35 -25.36 -3.69 16.54
C ALA A 35 -24.17 -3.80 17.49
N PRO A 36 -24.34 -4.55 18.61
CA PRO A 36 -23.20 -4.85 19.47
C PRO A 36 -21.97 -5.35 18.71
N TYR A 37 -22.15 -6.18 17.71
CA TYR A 37 -21.00 -6.80 17.08
C TYR A 37 -20.32 -5.82 16.11
N ILE A 38 -21.12 -4.90 15.56
CA ILE A 38 -20.59 -3.78 14.82
C ILE A 38 -19.69 -2.97 15.74
N ARG A 39 -20.20 -2.64 16.92
CA ARG A 39 -19.44 -1.88 17.87
C ARG A 39 -18.14 -2.63 18.13
N GLN A 40 -18.21 -3.95 18.33
CA GLN A 40 -17.01 -4.72 18.63
C GLN A 40 -16.09 -4.90 17.42
N MET A 41 -16.60 -5.08 16.23
CA MET A 41 -15.70 -5.30 15.13
C MET A 41 -14.93 -4.03 14.68
N ARG A 42 -15.50 -2.88 14.90
CA ARG A 42 -14.87 -1.70 14.37
C ARG A 42 -13.46 -1.55 15.00
N GLY A 43 -12.42 -1.65 14.17
CA GLY A 43 -11.04 -1.48 14.61
C GLY A 43 -10.38 -2.82 14.89
N THR A 44 -11.09 -3.89 14.63
CA THR A 44 -10.64 -5.25 14.82
C THR A 44 -9.92 -5.75 13.58
N THR A 45 -8.93 -6.62 13.74
CA THR A 45 -8.26 -7.21 12.60
C THR A 45 -8.82 -8.59 12.31
N LEU A 46 -9.11 -8.86 11.05
CA LEU A 46 -9.65 -10.14 10.63
C LEU A 46 -8.79 -10.65 9.48
N VAL A 47 -8.07 -11.77 9.69
CA VAL A 47 -7.29 -12.33 8.63
C VAL A 47 -8.08 -13.40 7.93
N ALA A 48 -8.32 -13.24 6.65
CA ALA A 48 -9.09 -14.23 5.89
C ALA A 48 -8.22 -15.05 4.94
N GLY A 49 -8.21 -16.36 5.09
CA GLY A 49 -7.59 -17.23 4.10
C GLY A 49 -8.67 -17.75 3.18
N ILE A 50 -8.63 -17.39 1.91
CA ILE A 50 -9.68 -17.71 0.93
C ILE A 50 -9.30 -18.78 -0.11
N ASP A 51 -10.07 -19.88 -0.14
CA ASP A 51 -9.91 -20.96 -1.13
C ASP A 51 -9.91 -20.38 -2.55
N GLY A 52 -8.94 -20.77 -3.36
CA GLY A 52 -8.74 -20.06 -4.64
C GLY A 52 -9.90 -20.29 -5.59
N ARG A 53 -10.53 -21.45 -5.43
CA ARG A 53 -11.74 -21.78 -6.18
C ARG A 53 -12.82 -20.75 -5.98
N LEU A 54 -12.74 -19.91 -4.92
CA LEU A 54 -13.79 -18.96 -4.61
C LEU A 54 -13.77 -17.67 -5.41
N LEU A 55 -12.69 -17.45 -6.14
CA LEU A 55 -12.50 -16.19 -6.80
C LEU A 55 -12.68 -16.28 -8.30
N GLU A 56 -13.84 -16.79 -8.74
CA GLU A 56 -14.17 -16.78 -10.17
C GLU A 56 -15.62 -16.60 -10.54
N GLY A 57 -16.52 -17.28 -9.87
CA GLY A 57 -17.88 -17.35 -10.40
C GLY A 57 -18.64 -16.10 -10.03
N GLY A 58 -19.95 -16.28 -9.83
CA GLY A 58 -20.80 -15.25 -9.26
C GLY A 58 -20.48 -15.17 -7.79
N THR A 59 -19.74 -16.15 -7.28
CA THR A 59 -19.32 -16.15 -5.90
C THR A 59 -18.31 -15.03 -5.64
N LEU A 60 -17.45 -14.78 -6.61
CA LEU A 60 -16.49 -13.66 -6.56
C LEU A 60 -17.21 -12.36 -6.23
N ASN A 61 -18.15 -12.03 -7.12
CA ASN A 61 -18.93 -10.84 -7.01
C ASN A 61 -19.64 -10.76 -5.68
N LYS A 62 -20.28 -11.85 -5.28
CA LYS A 62 -21.04 -11.88 -4.04
C LYS A 62 -20.08 -11.70 -2.87
N LEU A 63 -18.91 -12.31 -2.99
CA LEU A 63 -17.89 -12.20 -1.97
C LEU A 63 -17.29 -10.77 -1.92
N ALA A 64 -16.73 -10.33 -3.05
CA ALA A 64 -16.12 -9.03 -3.13
C ALA A 64 -17.05 -8.02 -2.54
N ALA A 65 -18.33 -8.18 -2.80
CA ALA A 65 -19.29 -7.21 -2.34
C ALA A 65 -19.30 -7.17 -0.81
N ASP A 66 -19.24 -8.31 -0.17
CA ASP A 66 -19.37 -8.31 1.28
C ASP A 66 -18.08 -7.94 2.03
N ILE A 67 -16.95 -8.39 1.49
CA ILE A 67 -15.68 -7.92 1.98
C ILE A 67 -15.73 -6.43 1.89
N GLY A 68 -16.30 -5.94 0.79
CA GLY A 68 -16.50 -4.51 0.60
C GLY A 68 -17.28 -3.91 1.74
N LEU A 69 -18.39 -4.54 2.10
CA LEU A 69 -19.20 -4.09 3.21
C LEU A 69 -18.42 -4.09 4.57
N LEU A 70 -17.82 -5.24 4.93
CA LEU A 70 -16.98 -5.31 6.12
C LEU A 70 -16.03 -4.12 6.25
N SER A 71 -15.42 -3.76 5.12
CA SER A 71 -14.42 -2.77 5.08
C SER A 71 -15.05 -1.40 5.39
N GLN A 72 -16.28 -1.20 4.95
CA GLN A 72 -16.88 0.09 5.20
C GLN A 72 -17.33 0.17 6.68
N LEU A 73 -17.38 -0.98 7.34
CA LEU A 73 -17.77 -0.99 8.73
C LEU A 73 -16.58 -0.87 9.65
N GLY A 74 -15.45 -0.46 9.12
CA GLY A 74 -14.26 -0.26 9.97
C GLY A 74 -13.48 -1.50 10.38
N ILE A 75 -13.82 -2.68 9.84
CA ILE A 75 -13.01 -3.88 10.10
C ILE A 75 -11.70 -3.82 9.33
N ARG A 76 -10.61 -4.28 9.92
CA ARG A 76 -9.32 -4.24 9.25
C ARG A 76 -9.10 -5.59 8.61
N LEU A 77 -8.90 -5.60 7.30
CA LEU A 77 -8.97 -6.84 6.57
C LEU A 77 -7.69 -7.18 5.89
N VAL A 78 -7.26 -8.43 6.07
CA VAL A 78 -6.09 -8.93 5.38
C VAL A 78 -6.50 -10.19 4.62
N LEU A 79 -6.60 -10.09 3.29
CA LEU A 79 -7.03 -11.26 2.52
C LEU A 79 -5.85 -12.07 1.97
N ILE A 80 -5.88 -13.38 2.13
CA ILE A 80 -4.85 -14.24 1.56
C ILE A 80 -5.50 -15.38 0.80
N HIS A 81 -5.21 -15.51 -0.49
CA HIS A 81 -5.86 -16.55 -1.29
C HIS A 81 -4.96 -17.76 -1.42
N GLY A 82 -5.56 -18.91 -1.74
CA GLY A 82 -4.81 -20.19 -1.98
C GLY A 82 -4.58 -20.41 -3.47
N ALA A 83 -3.92 -21.50 -3.85
CA ALA A 83 -3.67 -21.78 -5.27
C ALA A 83 -3.63 -23.29 -5.63
N TYR A 84 -3.50 -24.12 -4.60
CA TYR A 84 -3.21 -25.54 -4.76
C TYR A 84 -4.14 -26.21 -5.78
N HIS A 85 -5.43 -25.83 -5.74
CA HIS A 85 -6.43 -26.44 -6.61
C HIS A 85 -6.18 -26.02 -8.04
N PHE A 86 -5.97 -24.72 -8.24
CA PHE A 86 -5.56 -24.20 -9.55
C PHE A 86 -4.34 -24.94 -10.10
N LEU A 87 -3.27 -24.98 -9.31
CA LEU A 87 -2.06 -25.69 -9.72
C LEU A 87 -2.25 -27.18 -9.97
N ASP A 88 -3.14 -27.85 -9.19
CA ASP A 88 -3.36 -29.30 -9.38
C ASP A 88 -4.23 -29.60 -10.61
N ARG A 89 -5.25 -28.77 -10.81
CA ARG A 89 -6.10 -28.81 -12.00
C ARG A 89 -5.31 -28.40 -13.23
N LEU A 90 -4.32 -27.52 -13.04
CA LEU A 90 -3.42 -27.16 -14.14
C LEU A 90 -2.42 -28.29 -14.40
N ALA A 91 -2.14 -29.12 -13.41
CA ALA A 91 -1.23 -30.23 -13.65
C ALA A 91 -1.89 -31.37 -14.44
N ALA A 92 -3.04 -31.83 -13.96
CA ALA A 92 -3.84 -32.88 -14.58
C ALA A 92 -4.04 -32.62 -16.05
N ALA A 93 -4.40 -31.37 -16.37
CA ALA A 93 -4.63 -30.93 -17.75
C ALA A 93 -3.39 -31.07 -18.65
N GLN A 94 -2.21 -31.13 -18.03
CA GLN A 94 -0.98 -31.23 -18.79
C GLN A 94 -0.04 -32.33 -18.34
N GLY A 95 -0.62 -33.45 -17.88
CA GLY A 95 0.15 -34.68 -17.73
C GLY A 95 0.97 -34.85 -16.47
N ARG A 96 1.30 -33.73 -15.83
CA ARG A 96 2.04 -33.80 -14.57
C ARG A 96 1.12 -34.24 -13.42
N THR A 97 1.66 -34.97 -12.45
CA THR A 97 0.92 -35.30 -11.23
C THR A 97 1.52 -34.59 -9.98
N PRO A 98 0.71 -33.79 -9.26
CA PRO A 98 1.09 -33.09 -8.02
C PRO A 98 1.61 -34.00 -6.92
N HIS A 99 2.71 -33.61 -6.27
CA HIS A 99 3.32 -34.35 -5.18
C HIS A 99 3.24 -33.55 -3.89
N TYR A 100 2.52 -34.09 -2.92
CA TYR A 100 2.41 -33.47 -1.61
C TYR A 100 3.24 -34.29 -0.64
N CYS A 101 3.93 -33.58 0.25
CA CYS A 101 4.63 -34.22 1.36
C CYS A 101 4.38 -33.43 2.64
N ARG A 102 3.88 -34.12 3.66
CA ARG A 102 3.53 -33.53 4.96
C ARG A 102 2.59 -32.33 4.75
N GLY A 103 1.52 -32.55 3.98
CA GLY A 103 0.53 -31.51 3.63
C GLY A 103 0.96 -30.49 2.60
N LEU A 104 2.25 -30.16 2.56
CA LEU A 104 2.71 -29.14 1.64
C LEU A 104 3.06 -29.69 0.27
N ARG A 105 2.73 -28.92 -0.76
CA ARG A 105 2.98 -29.25 -2.16
C ARG A 105 4.41 -29.01 -2.63
N VAL A 106 5.04 -30.02 -3.24
CA VAL A 106 6.34 -29.85 -3.94
C VAL A 106 6.16 -28.87 -5.11
N THR A 107 7.05 -27.90 -5.23
CA THR A 107 6.78 -26.83 -6.20
C THR A 107 7.91 -26.61 -7.15
N ASP A 108 7.76 -27.06 -8.40
CA ASP A 108 8.86 -26.92 -9.35
C ASP A 108 8.85 -25.52 -9.99
N GLU A 109 9.91 -25.22 -10.71
CA GLU A 109 10.07 -24.00 -11.48
C GLU A 109 8.78 -23.68 -12.20
N THR A 110 8.39 -24.59 -13.08
CA THR A 110 7.14 -24.47 -13.81
C THR A 110 5.91 -24.14 -12.95
N SER A 111 5.72 -24.85 -11.85
CA SER A 111 4.63 -24.58 -10.94
C SER A 111 4.74 -23.18 -10.36
N LEU A 112 5.94 -22.79 -9.92
CA LEU A 112 6.16 -21.46 -9.34
C LEU A 112 5.76 -20.40 -10.36
N GLY A 113 6.27 -20.56 -11.58
CA GLY A 113 5.82 -19.80 -12.75
C GLY A 113 4.31 -19.69 -12.87
N GLN A 114 3.60 -20.81 -12.75
CA GLN A 114 2.12 -20.79 -12.86
C GLN A 114 1.39 -20.05 -11.71
N ALA A 115 2.04 -20.02 -10.55
CA ALA A 115 1.50 -19.42 -9.36
C ALA A 115 1.61 -17.91 -9.44
N GLN A 116 2.82 -17.42 -9.78
CA GLN A 116 2.97 -15.98 -9.99
C GLN A 116 1.92 -15.55 -11.03
N GLN A 117 1.72 -16.37 -12.04
CA GLN A 117 0.72 -16.05 -13.02
C GLN A 117 -0.67 -16.05 -12.44
N PHE A 118 -1.00 -17.05 -11.68
CA PHE A 118 -2.33 -17.13 -11.13
C PHE A 118 -2.67 -15.95 -10.22
N ALA A 119 -1.74 -15.60 -9.33
CA ALA A 119 -1.81 -14.41 -8.51
C ALA A 119 -2.17 -13.14 -9.30
N GLY A 120 -1.54 -12.96 -10.45
CA GLY A 120 -1.83 -11.82 -11.26
C GLY A 120 -3.31 -11.84 -11.55
N THR A 121 -3.75 -12.97 -12.14
CA THR A 121 -5.11 -13.06 -12.59
C THR A 121 -6.13 -12.86 -11.49
N VAL A 122 -5.95 -13.53 -10.37
CA VAL A 122 -6.91 -13.35 -9.29
C VAL A 122 -6.91 -11.93 -8.63
N ARG A 123 -5.74 -11.29 -8.56
CA ARG A 123 -5.67 -9.94 -8.01
C ARG A 123 -6.46 -8.94 -8.87
N SER A 124 -6.39 -9.08 -10.20
CA SER A 124 -7.17 -8.27 -11.11
C SER A 124 -8.62 -8.62 -10.99
N ARG A 125 -8.93 -9.89 -11.18
CA ARG A 125 -10.31 -10.35 -11.08
C ARG A 125 -10.95 -9.72 -9.82
N PHE A 126 -10.25 -9.77 -8.68
CA PHE A 126 -10.85 -9.32 -7.45
C PHE A 126 -10.99 -7.78 -7.41
N GLU A 127 -9.98 -7.08 -7.88
CA GLU A 127 -10.12 -5.61 -7.97
C GLU A 127 -11.35 -5.16 -8.82
N ALA A 128 -11.61 -5.84 -9.92
CA ALA A 128 -12.71 -5.47 -10.80
C ALA A 128 -14.03 -5.73 -10.16
N ALA A 129 -14.14 -6.81 -9.39
CA ALA A 129 -15.39 -7.13 -8.76
C ALA A 129 -15.69 -6.06 -7.72
N LEU A 130 -14.62 -5.67 -7.04
CA LEU A 130 -14.71 -4.75 -5.93
C LEU A 130 -15.18 -3.41 -6.43
N CYS A 131 -14.58 -2.97 -7.51
CA CYS A 131 -14.88 -1.69 -8.10
C CYS A 131 -16.25 -1.69 -8.71
N GLY A 132 -16.69 -2.82 -9.22
CA GLY A 132 -17.99 -2.91 -9.82
C GLY A 132 -19.14 -3.23 -8.88
N SER A 133 -18.91 -3.28 -7.57
CA SER A 133 -19.95 -3.81 -6.68
C SER A 133 -20.66 -2.70 -5.89
N VAL A 134 -21.59 -3.05 -4.99
CA VAL A 134 -22.37 -2.05 -4.25
C VAL A 134 -22.82 -2.50 -2.86
N SER A 135 -22.67 -1.59 -1.90
CA SER A 135 -23.14 -1.78 -0.53
C SER A 135 -24.67 -1.68 -0.49
N GLY A 136 -25.22 -0.60 -1.03
CA GLY A 136 -26.66 -0.42 -1.08
C GLY A 136 -27.13 0.37 -2.28
N PHE A 137 -28.20 1.11 -2.07
CA PHE A 137 -28.80 1.97 -3.08
C PHE A 137 -28.22 3.38 -3.16
N ALA A 138 -27.51 3.82 -2.12
CA ALA A 138 -26.91 5.16 -2.14
C ALA A 138 -25.52 5.11 -2.70
N ARG A 139 -25.06 6.22 -3.25
CA ARG A 139 -23.69 6.29 -3.74
C ARG A 139 -22.73 6.32 -2.56
N ALA A 140 -21.67 5.54 -2.63
CA ALA A 140 -20.73 5.37 -1.52
C ALA A 140 -19.28 5.57 -2.00
N PRO A 141 -18.33 5.84 -1.08
CA PRO A 141 -16.93 5.97 -1.52
C PRO A 141 -16.38 4.64 -2.05
N SER A 142 -15.37 4.68 -2.91
CA SER A 142 -14.79 3.41 -3.38
C SER A 142 -13.88 2.85 -2.29
N VAL A 143 -13.58 1.56 -2.38
CA VAL A 143 -12.89 0.78 -1.35
C VAL A 143 -11.44 0.53 -1.75
N PRO A 144 -10.50 1.03 -0.96
CA PRO A 144 -9.06 0.94 -1.33
C PRO A 144 -8.43 -0.40 -0.90
N LEU A 145 -7.65 -1.01 -1.80
CA LEU A 145 -6.98 -2.28 -1.62
C LEU A 145 -5.51 -2.06 -1.88
N VAL A 146 -4.66 -2.79 -1.15
CA VAL A 146 -3.23 -2.54 -1.18
C VAL A 146 -2.47 -3.86 -1.11
N SER A 147 -1.32 -3.93 -1.76
CA SER A 147 -0.50 -5.13 -1.81
C SER A 147 0.91 -4.70 -1.72
N GLY A 148 1.80 -5.61 -1.34
CA GLY A 148 3.17 -5.22 -1.12
C GLY A 148 4.11 -6.28 -0.64
N ASN A 149 5.40 -5.96 -0.67
CA ASN A 149 6.44 -6.96 -0.42
C ASN A 149 6.54 -7.32 1.07
N PHE A 150 5.40 -7.62 1.68
CA PHE A 150 5.28 -7.83 3.14
C PHE A 150 5.90 -9.09 3.67
N LEU A 151 6.08 -10.09 2.80
CA LEU A 151 6.41 -11.44 3.28
C LEU A 151 7.74 -11.90 2.75
N THR A 152 8.65 -12.18 3.67
CA THR A 152 9.92 -12.61 3.17
C THR A 152 9.98 -14.07 3.54
N ALA A 153 10.31 -14.90 2.55
CA ALA A 153 10.11 -16.32 2.64
C ALA A 153 11.44 -17.04 2.61
N ARG A 154 11.42 -18.30 3.02
CA ARG A 154 12.59 -19.16 2.87
C ARG A 154 12.13 -20.54 2.34
N PRO A 155 13.01 -21.24 1.63
CA PRO A 155 12.72 -22.64 1.21
C PRO A 155 12.63 -23.61 2.37
N ILE A 156 11.62 -24.46 2.36
CA ILE A 156 11.50 -25.50 3.38
C ILE A 156 12.70 -26.46 3.31
N GLY A 157 13.11 -26.80 2.09
CA GLY A 157 14.28 -27.66 1.84
C GLY A 157 13.96 -29.10 1.45
N VAL A 158 14.43 -30.05 2.25
CA VAL A 158 14.19 -31.47 2.03
C VAL A 158 13.42 -32.03 3.22
N ILE A 159 12.39 -32.82 2.92
CA ILE A 159 11.61 -33.48 3.97
C ILE A 159 11.45 -34.95 3.60
N ASP A 160 12.09 -35.80 4.42
CA ASP A 160 12.03 -37.26 4.27
C ASP A 160 12.46 -37.66 2.88
N GLY A 161 13.57 -37.06 2.43
CA GLY A 161 14.18 -37.42 1.16
C GLY A 161 13.43 -36.92 -0.05
N THR A 162 12.49 -35.99 0.18
CA THR A 162 11.84 -35.22 -0.88
C THR A 162 12.33 -33.77 -0.89
N ASP A 163 13.08 -33.38 -1.91
CA ASP A 163 13.38 -31.95 -2.16
C ASP A 163 12.07 -31.20 -2.45
N MET A 164 11.72 -30.25 -1.60
CA MET A 164 10.46 -29.51 -1.75
C MET A 164 10.59 -28.37 -2.75
N GLU A 165 11.84 -28.14 -3.19
CA GLU A 165 12.23 -27.20 -4.25
C GLU A 165 11.83 -25.80 -3.87
N TYR A 166 10.88 -25.24 -4.61
CA TYR A 166 10.45 -23.87 -4.41
C TYR A 166 9.30 -23.71 -3.43
N ALA A 167 8.88 -24.79 -2.78
CA ALA A 167 7.93 -24.64 -1.67
C ALA A 167 8.56 -23.86 -0.52
N GLY A 168 7.83 -22.92 0.03
CA GLY A 168 8.45 -22.04 1.00
C GLY A 168 7.65 -21.86 2.28
N VAL A 169 8.26 -21.18 3.23
CA VAL A 169 7.61 -20.86 4.50
C VAL A 169 8.03 -19.43 4.93
N ILE A 170 7.11 -18.70 5.59
CA ILE A 170 7.35 -17.31 6.01
C ILE A 170 8.51 -17.28 6.98
N ARG A 171 9.48 -16.41 6.72
CA ARG A 171 10.62 -16.22 7.59
C ARG A 171 10.47 -14.90 8.36
N LYS A 172 10.04 -13.84 7.68
CA LYS A 172 9.84 -12.53 8.27
C LYS A 172 8.62 -11.92 7.65
N THR A 173 7.91 -11.20 8.52
CA THR A 173 6.67 -10.55 8.19
C THR A 173 6.73 -9.10 8.71
N ASP A 174 6.58 -8.16 7.79
CA ASP A 174 6.70 -6.75 8.09
C ASP A 174 5.37 -6.28 8.67
N THR A 175 5.16 -6.59 9.95
CA THR A 175 4.01 -6.16 10.76
C THR A 175 3.78 -4.65 10.90
N ALA A 176 4.85 -3.87 10.86
CA ALA A 176 4.66 -2.43 11.02
C ALA A 176 4.09 -1.89 9.71
N ALA A 177 4.54 -2.39 8.58
CA ALA A 177 3.88 -2.03 7.31
C ALA A 177 2.42 -2.52 7.29
N LEU A 178 2.17 -3.75 7.73
CA LEU A 178 0.78 -4.20 7.71
C LEU A 178 -0.14 -3.28 8.50
N ARG A 179 0.27 -2.92 9.71
CA ARG A 179 -0.53 -2.11 10.58
C ARG A 179 -0.75 -0.75 10.00
N PHE A 180 0.26 -0.29 9.27
CA PHE A 180 0.27 1.03 8.74
C PHE A 180 -0.81 1.08 7.67
N GLN A 181 -0.86 0.04 6.85
CA GLN A 181 -1.88 -0.03 5.82
C GLN A 181 -3.25 -0.20 6.42
N LEU A 182 -3.37 -1.03 7.44
CA LEU A 182 -4.68 -1.21 8.03
C LEU A 182 -5.17 0.07 8.79
N ASP A 183 -4.30 0.81 9.46
CA ASP A 183 -4.74 2.07 10.08
C ASP A 183 -5.36 3.07 9.07
N ALA A 184 -4.80 3.11 7.86
CA ALA A 184 -5.22 4.06 6.85
C ALA A 184 -6.55 3.63 6.28
N GLY A 185 -7.03 2.46 6.68
CA GLY A 185 -8.30 1.95 6.24
C GLY A 185 -8.23 1.01 5.03
N ASN A 186 -7.04 0.57 4.66
CA ASN A 186 -6.87 -0.19 3.44
C ASN A 186 -7.11 -1.66 3.64
N ILE A 187 -7.83 -2.28 2.71
CA ILE A 187 -7.78 -3.75 2.66
C ILE A 187 -6.39 -4.11 2.16
N VAL A 188 -5.78 -5.09 2.78
CA VAL A 188 -4.45 -5.59 2.38
C VAL A 188 -4.62 -6.94 1.63
N TRP A 189 -4.18 -7.01 0.37
CA TRP A 189 -4.25 -8.22 -0.40
C TRP A 189 -2.92 -8.95 -0.51
N MET A 190 -2.91 -10.23 -0.07
CA MET A 190 -1.69 -11.07 -0.12
C MET A 190 -1.76 -12.37 -0.96
N PRO A 191 -0.82 -12.53 -1.89
CA PRO A 191 -0.76 -13.80 -2.61
C PRO A 191 0.06 -14.80 -1.75
N PRO A 192 -0.14 -16.11 -1.93
CA PRO A 192 0.65 -17.06 -1.11
C PRO A 192 2.02 -17.23 -1.74
N LEU A 193 2.79 -16.16 -1.74
CA LEU A 193 4.09 -16.05 -2.39
C LEU A 193 4.98 -15.16 -1.57
N GLY A 194 6.30 -15.33 -1.69
CA GLY A 194 7.17 -14.43 -0.96
C GLY A 194 8.54 -14.39 -1.54
N HIS A 195 9.19 -13.24 -1.42
CA HIS A 195 10.58 -13.09 -1.83
C HIS A 195 11.47 -13.68 -0.72
N SER A 196 12.67 -14.12 -1.08
CA SER A 196 13.66 -14.49 -0.08
C SER A 196 14.82 -13.56 -0.19
N TYR A 197 15.69 -13.55 0.81
CA TYR A 197 16.97 -12.83 0.72
C TYR A 197 17.86 -13.30 -0.42
N GLY A 198 17.78 -14.57 -0.80
CA GLY A 198 18.60 -15.09 -1.88
C GLY A 198 18.17 -14.59 -3.26
N GLY A 199 17.06 -13.85 -3.29
CA GLY A 199 16.56 -13.21 -4.52
C GLY A 199 15.59 -14.10 -5.28
N LYS A 200 14.88 -14.93 -4.54
CA LYS A 200 14.03 -15.94 -5.14
C LYS A 200 12.64 -15.76 -4.65
N THR A 201 11.73 -16.53 -5.25
CA THR A 201 10.33 -16.47 -4.93
C THR A 201 9.85 -17.86 -4.63
N PHE A 202 9.10 -17.96 -3.56
CA PHE A 202 8.59 -19.22 -3.08
C PHE A 202 7.11 -19.15 -2.89
N ASN A 203 6.55 -20.33 -3.06
CA ASN A 203 5.15 -20.61 -3.05
C ASN A 203 4.80 -20.94 -1.62
N LEU A 204 3.76 -20.33 -1.07
CA LEU A 204 3.39 -20.60 0.31
C LEU A 204 2.13 -21.42 0.41
N ASP A 205 1.97 -22.09 1.53
CA ASP A 205 0.73 -22.78 1.79
C ASP A 205 -0.17 -21.77 2.46
N MET A 206 -1.35 -21.56 1.87
CA MET A 206 -2.20 -20.48 2.32
C MET A 206 -2.72 -20.71 3.74
N VAL A 207 -3.12 -21.93 4.04
CA VAL A 207 -3.72 -22.19 5.33
C VAL A 207 -2.68 -21.90 6.42
N GLN A 208 -1.44 -22.21 6.12
CA GLN A 208 -0.41 -22.05 7.13
C GLN A 208 0.05 -20.60 7.25
N ALA A 209 0.14 -19.92 6.12
CA ALA A 209 0.58 -18.55 6.09
C ALA A 209 -0.48 -17.64 6.73
N ALA A 210 -1.76 -17.95 6.46
CA ALA A 210 -2.86 -17.21 7.08
C ALA A 210 -2.78 -17.28 8.58
N ALA A 211 -2.53 -18.47 9.13
CA ALA A 211 -2.39 -18.61 10.58
C ALA A 211 -1.22 -17.73 11.06
N SER A 212 -0.09 -17.86 10.36
CA SER A 212 1.14 -17.20 10.72
C SER A 212 1.03 -15.66 10.78
N VAL A 213 0.38 -15.10 9.78
CA VAL A 213 0.20 -13.68 9.69
C VAL A 213 -0.74 -13.19 10.80
N ALA A 214 -1.81 -13.96 11.03
CA ALA A 214 -2.78 -13.66 12.06
C ALA A 214 -2.13 -13.56 13.42
N VAL A 215 -1.23 -14.50 13.72
CA VAL A 215 -0.49 -14.50 15.00
C VAL A 215 0.44 -13.29 15.08
N SER A 216 1.09 -12.98 13.95
CA SER A 216 2.05 -11.90 13.87
C SER A 216 1.43 -10.57 14.16
N LEU A 217 0.18 -10.37 13.77
CA LEU A 217 -0.41 -9.13 14.13
C LEU A 217 -1.54 -9.34 15.17
N GLN A 218 -1.39 -10.39 15.96
CA GLN A 218 -2.30 -10.69 17.06
C GLN A 218 -3.74 -10.41 16.70
N ALA A 219 -4.16 -10.92 15.56
CA ALA A 219 -5.48 -10.58 15.06
C ALA A 219 -6.46 -11.19 16.00
N GLU A 220 -7.65 -10.60 16.06
CA GLU A 220 -8.73 -11.10 16.89
C GLU A 220 -9.43 -12.25 16.21
N LYS A 221 -9.37 -12.27 14.87
CA LYS A 221 -10.05 -13.32 14.08
C LYS A 221 -9.22 -13.82 12.90
N LEU A 222 -9.08 -15.14 12.82
CA LEU A 222 -8.64 -15.79 11.61
C LEU A 222 -9.85 -16.53 11.03
N VAL A 223 -10.23 -16.13 9.82
CA VAL A 223 -11.40 -16.70 9.17
C VAL A 223 -10.97 -17.48 7.93
N TYR A 224 -11.41 -18.74 7.79
CA TYR A 224 -11.16 -19.47 6.53
C TYR A 224 -12.39 -19.57 5.68
N LEU A 225 -12.28 -19.02 4.47
CA LEU A 225 -13.38 -19.21 3.55
C LEU A 225 -13.16 -20.44 2.67
N THR A 226 -14.07 -21.39 2.82
CA THR A 226 -13.97 -22.67 2.17
C THR A 226 -15.15 -22.89 1.24
N LEU A 227 -15.31 -24.13 0.79
CA LEU A 227 -16.52 -24.59 0.08
C LEU A 227 -17.41 -25.46 0.94
N SER A 228 -17.29 -25.34 2.25
CA SER A 228 -17.94 -26.27 3.14
C SER A 228 -18.50 -25.54 4.33
N ASP A 229 -19.64 -26.01 4.81
CA ASP A 229 -20.37 -25.33 5.86
C ASP A 229 -19.50 -25.01 7.07
N GLY A 230 -18.45 -25.78 7.27
CA GLY A 230 -17.53 -25.45 8.34
C GLY A 230 -16.76 -26.68 8.65
N ILE A 231 -16.76 -27.07 9.91
CA ILE A 231 -16.19 -28.37 10.23
C ILE A 231 -17.27 -29.35 10.58
N SER A 232 -17.36 -30.38 9.77
CA SER A 232 -18.32 -31.44 10.02
C SER A 232 -17.71 -32.62 10.74
N ARG A 233 -18.54 -33.28 11.51
CA ARG A 233 -18.12 -34.50 12.14
C ARG A 233 -18.32 -35.62 11.12
N PRO A 234 -17.49 -36.67 11.24
CA PRO A 234 -17.71 -37.97 10.60
C PRO A 234 -19.02 -38.55 11.13
N ASP A 235 -20.08 -37.75 11.09
CA ASP A 235 -21.34 -38.11 11.70
C ASP A 235 -22.41 -37.47 10.82
N GLY A 236 -22.02 -36.35 10.20
CA GLY A 236 -22.88 -35.59 9.29
C GLY A 236 -23.02 -34.12 9.71
N THR A 237 -23.06 -33.90 11.01
CA THR A 237 -23.43 -32.63 11.62
C THR A 237 -22.32 -31.60 11.53
N LEU A 238 -22.70 -30.32 11.47
CA LEU A 238 -21.75 -29.20 11.55
C LEU A 238 -21.25 -28.97 12.98
N ALA A 239 -19.95 -28.86 13.16
CA ALA A 239 -19.39 -28.58 14.48
C ALA A 239 -19.87 -27.26 15.13
N GLU A 240 -19.48 -26.09 14.67
CA GLU A 240 -20.23 -24.89 15.16
C GLU A 240 -19.52 -24.12 16.26
N THR A 241 -19.24 -24.81 17.36
CA THR A 241 -18.24 -24.33 18.29
C THR A 241 -17.31 -25.48 18.64
N LEU A 242 -16.05 -25.18 18.89
CA LEU A 242 -15.09 -26.16 19.33
C LEU A 242 -14.07 -25.47 20.21
N SER A 243 -13.56 -26.14 21.22
CA SER A 243 -12.38 -25.64 21.87
C SER A 243 -11.21 -26.22 21.07
N ALA A 244 -9.99 -25.74 21.32
CA ALA A 244 -8.80 -26.35 20.72
C ALA A 244 -8.72 -27.85 21.03
N GLN A 245 -8.96 -28.21 22.28
CA GLN A 245 -9.04 -29.60 22.73
C GLN A 245 -9.92 -30.44 21.78
N GLU A 246 -11.19 -30.03 21.64
CA GLU A 246 -12.15 -30.84 20.90
C GLU A 246 -11.78 -30.85 19.44
N ALA A 247 -11.16 -29.76 18.99
CA ALA A 247 -10.66 -29.69 17.62
C ALA A 247 -9.63 -30.78 17.33
N GLN A 248 -8.69 -31.00 18.24
CA GLN A 248 -7.73 -32.08 18.09
C GLN A 248 -8.38 -33.48 18.09
N SER A 249 -9.42 -33.67 18.91
CA SER A 249 -10.21 -34.92 18.87
C SER A 249 -10.72 -35.20 17.47
N LEU A 250 -11.35 -34.21 16.85
CA LEU A 250 -11.90 -34.41 15.54
C LEU A 250 -10.82 -34.64 14.49
N ALA A 251 -9.69 -33.94 14.68
CA ALA A 251 -8.62 -33.87 13.69
C ALA A 251 -8.12 -35.25 13.32
N GLU A 252 -7.93 -36.11 14.32
CA GLU A 252 -7.24 -37.38 14.15
C GLU A 252 -7.89 -38.27 13.09
N HIS A 253 -9.22 -38.30 13.11
CA HIS A 253 -9.95 -39.22 12.26
C HIS A 253 -10.75 -38.53 11.16
N ALA A 254 -10.26 -37.35 10.76
CA ALA A 254 -10.83 -36.65 9.63
C ALA A 254 -9.87 -36.70 8.44
N ALA A 255 -10.38 -36.35 7.25
CA ALA A 255 -9.56 -36.31 6.03
C ALA A 255 -8.42 -35.30 6.17
N SER A 256 -7.40 -35.45 5.32
CA SER A 256 -6.23 -34.58 5.40
C SER A 256 -6.58 -33.09 5.39
N GLU A 257 -7.45 -32.68 4.47
CA GLU A 257 -7.80 -31.27 4.31
C GLU A 257 -8.43 -30.63 5.55
N THR A 258 -9.33 -31.36 6.21
CA THR A 258 -9.90 -30.81 7.45
C THR A 258 -8.88 -30.93 8.62
N ARG A 259 -8.08 -31.99 8.57
CA ARG A 259 -6.98 -32.15 9.50
C ARG A 259 -6.09 -30.90 9.43
N ARG A 260 -5.60 -30.57 8.26
CA ARG A 260 -4.67 -29.45 8.13
C ARG A 260 -5.29 -28.14 8.56
N LEU A 261 -6.59 -27.97 8.30
CA LEU A 261 -7.27 -26.77 8.74
C LEU A 261 -7.12 -26.62 10.24
N ILE A 262 -7.26 -27.73 10.97
CA ILE A 262 -7.25 -27.65 12.41
C ILE A 262 -5.85 -27.35 12.93
N SER A 263 -4.88 -28.09 12.43
CA SER A 263 -3.50 -27.85 12.79
C SER A 263 -3.20 -26.33 12.82
N SER A 264 -3.55 -25.63 11.76
CA SER A 264 -3.31 -24.21 11.77
C SER A 264 -4.22 -23.46 12.72
N ALA A 265 -5.51 -23.75 12.72
CA ALA A 265 -6.44 -23.09 13.64
C ALA A 265 -5.89 -23.14 15.06
N VAL A 266 -5.32 -24.28 15.41
CA VAL A 266 -4.87 -24.54 16.76
C VAL A 266 -3.57 -23.78 17.01
N ALA A 267 -2.69 -23.79 16.01
CA ALA A 267 -1.43 -23.03 16.10
C ALA A 267 -1.77 -21.55 16.30
N ALA A 268 -2.79 -21.08 15.60
CA ALA A 268 -3.28 -19.68 15.71
C ALA A 268 -3.74 -19.30 17.12
N LEU A 269 -4.58 -20.15 17.73
CA LEU A 269 -5.03 -19.92 19.12
C LEU A 269 -3.92 -20.05 20.22
N GLU A 270 -3.01 -21.00 20.05
CA GLU A 270 -1.76 -21.08 20.82
C GLU A 270 -1.01 -19.77 20.85
N GLY A 271 -0.86 -19.18 19.66
CA GLY A 271 -0.12 -17.96 19.44
C GLY A 271 -0.83 -16.66 19.76
N GLY A 272 -2.14 -16.70 20.00
CA GLY A 272 -2.83 -15.52 20.51
C GLY A 272 -4.04 -14.97 19.77
N VAL A 273 -4.33 -15.53 18.61
CA VAL A 273 -5.61 -15.26 17.92
C VAL A 273 -6.85 -15.64 18.79
N HIS A 274 -7.86 -14.77 18.89
CA HIS A 274 -9.00 -14.99 19.77
C HIS A 274 -9.87 -16.04 19.21
N ARG A 275 -10.26 -15.90 17.95
CA ARG A 275 -11.11 -16.89 17.32
C ARG A 275 -10.60 -17.32 15.98
N VAL A 276 -10.83 -18.60 15.67
CA VAL A 276 -10.80 -19.01 14.29
C VAL A 276 -12.11 -19.58 13.78
N GLN A 277 -12.58 -18.99 12.69
CA GLN A 277 -13.86 -19.37 12.16
C GLN A 277 -13.74 -19.97 10.74
N ILE A 278 -14.50 -21.03 10.48
CA ILE A 278 -14.51 -21.68 9.19
C ILE A 278 -15.89 -21.56 8.59
N LEU A 279 -15.97 -21.04 7.36
CA LEU A 279 -17.23 -20.78 6.67
C LEU A 279 -17.34 -21.38 5.28
N ASN A 280 -18.56 -21.42 4.78
CA ASN A 280 -18.72 -21.64 3.38
C ASN A 280 -18.68 -20.26 2.67
N GLY A 281 -17.58 -19.99 1.97
CA GLY A 281 -17.44 -18.72 1.27
C GLY A 281 -18.32 -18.66 0.02
N ALA A 282 -19.17 -19.66 -0.19
CA ALA A 282 -19.98 -19.73 -1.39
C ALA A 282 -21.46 -19.67 -1.02
N ALA A 283 -21.75 -19.73 0.28
CA ALA A 283 -23.11 -19.46 0.78
C ALA A 283 -23.39 -17.96 0.88
N ASP A 284 -24.37 -17.50 0.10
CA ASP A 284 -24.79 -16.08 0.10
C ASP A 284 -24.95 -15.53 1.51
N GLY A 285 -24.12 -14.57 1.89
CA GLY A 285 -24.34 -13.86 3.14
C GLY A 285 -23.74 -14.50 4.38
N SER A 286 -23.09 -15.65 4.18
CA SER A 286 -22.33 -16.35 5.23
C SER A 286 -21.53 -15.43 6.16
N LEU A 287 -20.59 -14.70 5.59
CA LEU A 287 -19.70 -13.87 6.36
C LEU A 287 -20.46 -13.03 7.33
N LEU A 288 -21.56 -12.46 6.84
CA LEU A 288 -22.44 -11.57 7.56
C LEU A 288 -23.21 -12.27 8.67
N GLN A 289 -23.59 -13.51 8.46
CA GLN A 289 -24.29 -14.26 9.51
C GLN A 289 -23.27 -14.71 10.56
N GLU A 290 -22.13 -15.19 10.10
CA GLU A 290 -21.06 -15.51 11.03
C GLU A 290 -20.75 -14.35 11.99
N LEU A 291 -20.50 -13.17 11.46
CA LEU A 291 -19.90 -12.12 12.26
C LEU A 291 -20.87 -11.32 13.11
N PHE A 292 -22.13 -11.27 12.68
CA PHE A 292 -23.03 -10.33 13.29
C PHE A 292 -24.24 -10.96 13.96
N THR A 293 -24.14 -12.22 14.34
CA THR A 293 -25.16 -12.89 15.17
C THR A 293 -24.49 -13.71 16.25
N ARG A 294 -25.22 -14.05 17.33
CA ARG A 294 -24.59 -14.81 18.42
C ARG A 294 -24.21 -16.22 18.01
N ASN A 295 -25.07 -16.91 17.27
CA ASN A 295 -24.78 -18.27 16.83
C ASN A 295 -23.85 -18.38 15.63
N GLY A 296 -24.08 -17.58 14.60
CA GLY A 296 -23.28 -17.69 13.37
C GLY A 296 -23.89 -18.73 12.45
N ILE A 297 -23.18 -19.03 11.37
CA ILE A 297 -23.40 -20.23 10.53
C ILE A 297 -22.00 -20.79 10.64
N GLY A 298 -21.74 -22.03 10.23
CA GLY A 298 -20.33 -22.48 10.33
C GLY A 298 -19.68 -22.69 11.71
N THR A 299 -18.35 -22.67 11.75
CA THR A 299 -17.65 -23.20 12.93
C THR A 299 -16.78 -22.15 13.57
N SER A 300 -16.87 -22.02 14.88
CA SER A 300 -15.99 -21.11 15.56
C SER A 300 -15.10 -21.93 16.46
N ILE A 301 -13.78 -21.68 16.42
CA ILE A 301 -12.87 -22.41 17.30
C ILE A 301 -12.22 -21.48 18.30
N ALA A 302 -12.16 -21.93 19.55
CA ALA A 302 -11.50 -21.13 20.57
C ALA A 302 -10.47 -21.93 21.35
N LYS A 303 -9.51 -21.21 21.95
CA LYS A 303 -8.48 -21.77 22.80
C LYS A 303 -9.13 -22.62 23.89
N GLU A 304 -9.85 -21.98 24.81
CA GLU A 304 -10.57 -22.68 25.87
C GLU A 304 -12.03 -22.86 25.47
N ALA A 305 -12.79 -23.62 26.28
CA ALA A 305 -14.23 -23.78 26.08
C ALA A 305 -14.93 -22.44 26.01
N PHE A 306 -15.92 -22.35 25.12
CA PHE A 306 -16.96 -21.34 25.19
C PHE A 306 -17.67 -21.71 26.46
N VAL A 307 -18.31 -20.76 27.12
CA VAL A 307 -18.91 -21.14 28.44
C VAL A 307 -17.82 -21.14 29.48
N SER A 308 -17.92 -20.15 30.35
CA SER A 308 -16.98 -19.96 31.41
C SER A 308 -17.82 -19.34 32.51
N ILE A 309 -17.43 -19.60 33.77
CA ILE A 309 -18.06 -18.95 34.88
C ILE A 309 -17.01 -18.13 35.60
N ARG A 310 -17.32 -16.87 35.88
CA ARG A 310 -16.37 -15.96 36.46
C ARG A 310 -16.93 -15.27 37.67
N GLN A 311 -16.01 -14.81 38.51
CA GLN A 311 -16.30 -13.88 39.58
C GLN A 311 -16.99 -12.60 39.01
N ALA A 312 -18.08 -12.15 39.62
CA ALA A 312 -18.73 -10.89 39.18
C ALA A 312 -18.01 -9.64 39.67
N HIS A 313 -18.15 -8.56 38.92
CA HIS A 313 -17.59 -7.25 39.27
C HIS A 313 -18.63 -6.13 39.09
N SER A 314 -18.34 -4.92 39.55
CA SER A 314 -19.31 -3.84 39.45
C SER A 314 -19.80 -3.66 38.02
N GLY A 315 -18.87 -3.69 37.09
CA GLY A 315 -19.18 -3.69 35.67
C GLY A 315 -20.42 -4.48 35.27
N ASP A 316 -20.68 -5.60 35.97
CA ASP A 316 -21.65 -6.57 35.53
C ASP A 316 -23.06 -6.32 36.07
N ILE A 317 -23.17 -5.33 36.93
CA ILE A 317 -24.41 -5.08 37.67
C ILE A 317 -25.63 -4.84 36.76
N PRO A 318 -25.50 -3.97 35.72
CA PRO A 318 -26.63 -3.82 34.81
C PRO A 318 -26.97 -5.04 33.99
N HIS A 319 -26.05 -5.97 33.76
CA HIS A 319 -26.43 -7.23 33.10
C HIS A 319 -27.28 -8.15 33.97
N ILE A 320 -27.06 -8.07 35.27
CA ILE A 320 -27.75 -8.90 36.22
C ILE A 320 -29.08 -8.24 36.46
N ALA A 321 -29.04 -6.91 36.54
CA ALA A 321 -30.26 -6.13 36.65
C ALA A 321 -31.18 -6.62 35.55
N ALA A 322 -30.68 -6.62 34.31
CA ALA A 322 -31.43 -7.07 33.15
C ALA A 322 -31.83 -8.56 33.18
N LEU A 323 -30.95 -9.39 33.72
CA LEU A 323 -31.21 -10.83 33.82
C LEU A 323 -32.42 -11.16 34.73
N ILE A 324 -32.76 -10.26 35.65
CA ILE A 324 -33.76 -10.55 36.69
C ILE A 324 -35.07 -9.75 36.55
N ARG A 325 -34.99 -8.58 35.92
CA ARG A 325 -36.16 -7.72 35.66
C ARG A 325 -37.42 -8.49 35.27
N PRO A 326 -37.36 -9.37 34.26
CA PRO A 326 -38.64 -9.94 33.82
C PRO A 326 -39.18 -11.03 34.75
N LEU A 327 -38.53 -11.23 35.90
CA LEU A 327 -38.91 -12.31 36.81
C LEU A 327 -39.65 -11.80 38.03
N ILE A 332 -40.57 -12.73 42.98
CA ILE A 332 -39.39 -13.47 42.52
C ILE A 332 -38.10 -12.64 42.68
N LEU A 333 -38.20 -11.48 43.33
CA LEU A 333 -37.09 -10.51 43.47
C LEU A 333 -37.41 -9.33 44.43
N LEU A 334 -36.38 -8.81 45.11
CA LEU A 334 -36.47 -7.54 45.83
C LEU A 334 -35.90 -6.45 44.89
N HIS A 335 -34.90 -5.68 45.32
CA HIS A 335 -34.08 -4.78 44.41
C HIS A 335 -34.77 -3.67 43.59
N ARG A 336 -34.91 -2.50 44.22
CA ARG A 336 -35.35 -1.28 43.52
C ARG A 336 -34.71 -0.01 44.13
N SER A 337 -34.97 0.20 45.41
CA SER A 337 -34.51 1.41 46.08
C SER A 337 -33.08 1.20 46.56
N ARG A 338 -32.13 1.90 45.97
CA ARG A 338 -30.69 1.54 46.03
C ARG A 338 -30.53 0.04 45.77
N GLU A 339 -29.35 -0.54 45.95
CA GLU A 339 -29.26 -2.00 46.06
C GLU A 339 -28.44 -2.62 47.25
N TYR A 340 -28.35 -3.94 47.17
CA TYR A 340 -27.46 -4.83 47.90
C TYR A 340 -26.73 -5.54 46.77
N LEU A 341 -27.39 -5.54 45.62
CA LEU A 341 -26.72 -5.88 44.39
C LEU A 341 -25.46 -5.02 44.24
N GLU A 342 -25.55 -3.79 44.74
CA GLU A 342 -24.44 -2.88 44.71
C GLU A 342 -23.27 -3.35 45.57
N ASN A 343 -23.53 -3.60 46.84
CA ASN A 343 -22.43 -3.86 47.76
C ASN A 343 -21.98 -5.32 47.83
N HIS A 344 -22.88 -6.23 47.52
CA HIS A 344 -22.57 -7.63 47.59
C HIS A 344 -22.38 -8.24 46.21
N ILE A 345 -21.94 -7.39 45.29
CA ILE A 345 -21.61 -7.84 43.95
C ILE A 345 -20.65 -9.05 43.99
N SER A 346 -19.66 -9.05 44.89
CA SER A 346 -18.63 -10.06 44.79
C SER A 346 -19.04 -11.47 45.21
N GLU A 347 -20.23 -11.65 45.76
CA GLU A 347 -20.68 -13.02 46.00
C GLU A 347 -21.45 -13.64 44.82
N PHE A 348 -21.39 -12.95 43.67
CA PHE A 348 -22.01 -13.38 42.41
C PHE A 348 -21.06 -13.98 41.38
N SER A 349 -21.53 -15.02 40.69
CA SER A 349 -20.80 -15.60 39.59
C SER A 349 -21.65 -15.45 38.32
N ILE A 350 -21.01 -15.25 37.17
CA ILE A 350 -21.75 -15.11 35.92
C ILE A 350 -21.25 -16.12 34.93
N LEU A 351 -22.21 -16.68 34.23
CA LEU A 351 -21.89 -17.59 33.17
C LEU A 351 -21.93 -16.77 31.89
N GLU A 352 -20.90 -16.90 31.09
CA GLU A 352 -20.93 -16.31 29.79
C GLU A 352 -20.57 -17.30 28.70
N HIS A 353 -21.24 -17.20 27.56
CA HIS A 353 -20.94 -18.08 26.44
C HIS A 353 -20.36 -17.19 25.36
N ASP A 354 -19.18 -17.53 24.89
CA ASP A 354 -18.51 -16.74 23.85
C ASP A 354 -18.66 -15.20 24.07
N GLY A 355 -18.42 -14.73 25.31
CA GLY A 355 -18.53 -13.31 25.59
C GLY A 355 -19.91 -12.80 26.03
N ASN A 356 -20.93 -13.64 25.96
CA ASN A 356 -22.29 -13.21 26.33
C ASN A 356 -22.74 -13.70 27.70
N LEU A 357 -23.10 -12.75 28.55
CA LEU A 357 -23.54 -13.04 29.90
C LEU A 357 -24.94 -13.59 29.83
N TYR A 358 -25.12 -14.88 30.13
CA TYR A 358 -26.41 -15.51 29.98
C TYR A 358 -26.98 -15.89 31.30
N GLY A 359 -26.16 -15.96 32.32
CA GLY A 359 -26.74 -16.24 33.63
C GLY A 359 -25.92 -15.82 34.79
N CYS A 360 -26.53 -15.93 35.98
CA CYS A 360 -25.83 -15.67 37.24
C CYS A 360 -26.42 -16.47 38.41
N ALA A 361 -25.64 -16.51 39.49
CA ALA A 361 -26.08 -17.08 40.76
C ALA A 361 -25.23 -16.40 41.82
N ALA A 362 -25.77 -16.23 43.02
CA ALA A 362 -24.98 -15.73 44.15
C ALA A 362 -25.01 -16.67 45.36
N LEU A 363 -23.87 -16.74 46.05
CA LEU A 363 -23.73 -17.49 47.30
C LEU A 363 -23.73 -16.57 48.53
N LYS A 364 -24.88 -16.50 49.22
CA LYS A 364 -24.99 -15.79 50.51
C LYS A 364 -24.42 -16.63 51.69
N THR A 365 -23.48 -16.03 52.43
CA THR A 365 -22.87 -16.67 53.60
C THR A 365 -23.39 -15.99 54.87
N PHE A 366 -23.44 -16.75 55.97
CA PHE A 366 -24.19 -16.35 57.17
C PHE A 366 -23.41 -16.40 58.48
N ALA A 367 -24.15 -16.27 59.59
CA ALA A 367 -23.60 -16.42 60.95
C ALA A 367 -23.03 -17.83 61.10
N GLU A 368 -23.87 -18.82 60.80
CA GLU A 368 -23.51 -20.24 60.80
C GLU A 368 -22.52 -20.59 59.65
N ALA A 369 -21.36 -21.16 60.00
CA ALA A 369 -20.27 -21.39 59.05
C ALA A 369 -20.48 -22.50 58.00
N ASP A 370 -21.32 -23.50 58.30
CA ASP A 370 -21.51 -24.69 57.44
C ASP A 370 -22.90 -24.72 56.74
N CYS A 371 -23.35 -23.29 56.50
CA CYS A 371 -24.55 -23.04 55.69
C CYS A 371 -24.21 -22.07 54.59
N GLY A 372 -25.01 -22.13 53.53
CA GLY A 372 -24.98 -21.13 52.47
C GLY A 372 -26.35 -21.01 51.87
N GLU A 373 -26.57 -19.94 51.11
CA GLU A 373 -27.84 -19.74 50.42
C GLU A 373 -27.55 -19.43 48.94
N ILE A 374 -28.20 -20.17 48.07
CA ILE A 374 -28.06 -19.94 46.64
C ILE A 374 -29.27 -19.17 46.11
N ALA A 375 -29.11 -17.87 45.87
CA ALA A 375 -30.19 -17.09 45.26
C ALA A 375 -29.83 -16.53 43.88
N CYS A 376 -30.85 -15.99 43.19
CA CYS A 376 -30.67 -15.27 41.94
C CYS A 376 -30.17 -16.16 40.84
N LEU A 377 -30.25 -17.46 41.06
CA LEU A 377 -29.97 -18.38 39.99
C LEU A 377 -30.84 -17.93 38.83
N ALA A 378 -30.23 -17.51 37.72
CA ALA A 378 -30.99 -16.99 36.59
C ALA A 378 -30.27 -17.18 35.28
N VAL A 379 -30.97 -17.73 34.29
CA VAL A 379 -30.44 -17.80 32.94
C VAL A 379 -31.36 -17.03 31.99
N SER A 380 -30.83 -16.22 31.06
CA SER A 380 -31.73 -15.52 30.12
C SER A 380 -32.51 -16.53 29.31
N PRO A 381 -33.80 -16.21 29.06
CA PRO A 381 -34.65 -17.14 28.33
C PRO A 381 -34.01 -17.57 27.01
N GLN A 382 -33.27 -16.70 26.34
CA GLN A 382 -32.60 -17.11 25.10
C GLN A 382 -31.82 -18.42 25.26
N ALA A 383 -31.05 -18.55 26.34
CA ALA A 383 -30.08 -19.64 26.49
C ALA A 383 -30.50 -20.77 27.43
N GLN A 384 -31.73 -20.70 27.95
CA GLN A 384 -32.31 -21.74 28.83
C GLN A 384 -32.37 -23.15 28.22
N ASP A 385 -32.31 -24.17 29.08
CA ASP A 385 -32.39 -25.59 28.64
C ASP A 385 -31.15 -26.07 27.90
N GLY A 386 -29.98 -25.56 28.28
CA GLY A 386 -28.71 -25.96 27.67
C GLY A 386 -27.63 -26.27 28.70
N GLY A 387 -28.04 -26.51 29.93
CA GLY A 387 -27.10 -26.92 30.96
C GLY A 387 -26.55 -25.77 31.77
N TYR A 388 -26.81 -24.55 31.34
CA TYR A 388 -26.26 -23.37 32.03
C TYR A 388 -26.75 -23.21 33.46
N GLY A 389 -28.02 -23.51 33.71
CA GLY A 389 -28.54 -23.49 35.08
C GLY A 389 -27.75 -24.47 35.95
N GLU A 390 -27.77 -25.74 35.54
CA GLU A 390 -27.04 -26.82 36.24
C GLU A 390 -25.61 -26.39 36.54
N ARG A 391 -24.94 -25.87 35.50
CA ARG A 391 -23.53 -25.49 35.56
C ARG A 391 -23.25 -24.44 36.63
N LEU A 392 -24.11 -23.43 36.73
CA LEU A 392 -24.02 -22.44 37.81
C LEU A 392 -24.12 -23.06 39.22
N LEU A 393 -25.14 -23.88 39.45
CA LEU A 393 -25.30 -24.62 40.71
C LEU A 393 -24.05 -25.44 41.02
N ALA A 394 -23.62 -26.24 40.05
CA ALA A 394 -22.34 -26.90 40.12
C ALA A 394 -21.25 -25.90 40.48
N HIS A 395 -21.20 -24.71 39.88
CA HIS A 395 -20.12 -23.77 40.27
C HIS A 395 -20.17 -23.39 41.74
N ILE A 396 -21.37 -23.14 42.26
CA ILE A 396 -21.51 -22.58 43.61
C ILE A 396 -21.52 -23.67 44.69
N ILE A 397 -21.88 -24.90 44.34
CA ILE A 397 -21.63 -25.99 45.28
C ILE A 397 -20.12 -26.13 45.54
N ASP A 398 -19.29 -25.86 44.52
CA ASP A 398 -17.83 -25.93 44.67
C ASP A 398 -17.25 -24.73 45.39
N LYS A 399 -17.76 -23.56 45.07
CA LYS A 399 -17.41 -22.38 45.82
C LYS A 399 -17.78 -22.63 47.29
N ALA A 400 -18.98 -23.18 47.49
CA ALA A 400 -19.49 -23.52 48.82
C ALA A 400 -18.61 -24.55 49.52
N ARG A 401 -18.40 -25.69 48.85
CA ARG A 401 -17.57 -26.78 49.35
C ARG A 401 -16.25 -26.26 49.91
N GLY A 402 -15.58 -25.43 49.12
CA GLY A 402 -14.29 -24.83 49.47
C GLY A 402 -14.20 -23.91 50.70
N ILE A 403 -15.34 -23.49 51.26
CA ILE A 403 -15.33 -22.78 52.57
C ILE A 403 -16.32 -23.30 53.64
N GLY A 404 -16.10 -24.51 54.15
CA GLY A 404 -16.88 -25.04 55.28
C GLY A 404 -18.27 -25.60 55.01
N ILE A 405 -19.08 -24.89 54.22
CA ILE A 405 -20.48 -25.28 54.00
C ILE A 405 -20.65 -26.76 53.64
N SER A 406 -21.52 -27.44 54.38
CA SER A 406 -21.83 -28.83 54.12
C SER A 406 -23.32 -29.10 53.87
N ARG A 407 -24.17 -28.09 54.05
CA ARG A 407 -25.63 -28.27 53.98
C ARG A 407 -26.36 -27.12 53.29
N LEU A 408 -26.16 -26.95 51.98
CA LEU A 408 -26.52 -25.67 51.30
C LEU A 408 -27.99 -25.46 50.80
N PHE A 409 -28.64 -24.46 51.39
CA PHE A 409 -30.09 -24.22 51.25
C PHE A 409 -30.49 -23.47 49.99
N ALA A 410 -31.78 -23.56 49.66
CA ALA A 410 -32.38 -22.90 48.49
C ALA A 410 -33.88 -22.76 48.70
N LEU A 411 -34.41 -21.56 48.57
CA LEU A 411 -35.81 -21.31 48.90
C LEU A 411 -36.59 -20.85 47.68
N SER A 412 -37.75 -21.43 47.43
CA SER A 412 -38.41 -21.22 46.14
C SER A 412 -39.94 -21.20 46.12
N THR A 413 -40.49 -20.18 45.46
CA THR A 413 -41.94 -20.09 45.21
C THR A 413 -42.37 -20.89 43.97
N ASN A 414 -41.40 -21.18 43.11
CA ASN A 414 -41.67 -21.71 41.77
C ASN A 414 -40.61 -22.70 41.25
N THR A 415 -39.41 -22.62 41.79
CA THR A 415 -38.29 -23.40 41.25
C THR A 415 -37.87 -24.54 42.19
N GLY A 416 -38.71 -24.84 43.19
CA GLY A 416 -38.50 -25.99 44.10
C GLY A 416 -38.34 -27.31 43.35
N GLU A 417 -39.32 -27.62 42.51
CA GLU A 417 -39.31 -28.81 41.64
C GLU A 417 -37.97 -29.00 40.90
N TRP A 418 -37.43 -27.92 40.34
CA TRP A 418 -36.15 -27.92 39.60
C TRP A 418 -34.93 -28.29 40.46
N PHE A 419 -34.84 -27.74 41.67
CA PHE A 419 -33.81 -28.13 42.62
C PHE A 419 -34.01 -29.56 43.10
N ALA A 420 -35.26 -29.98 43.21
CA ALA A 420 -35.61 -31.32 43.74
C ALA A 420 -35.03 -32.44 42.88
N GLU A 421 -35.24 -32.33 41.57
CA GLU A 421 -34.74 -33.33 40.62
C GLU A 421 -33.21 -33.23 40.48
N ARG A 422 -32.65 -32.20 41.10
CA ARG A 422 -31.23 -31.89 41.04
C ARG A 422 -30.63 -32.22 42.39
N GLY A 423 -31.38 -33.04 43.13
CA GLY A 423 -30.92 -33.65 44.37
C GLY A 423 -31.06 -32.82 45.63
N PHE A 424 -32.15 -32.06 45.74
CA PHE A 424 -32.41 -31.22 46.91
C PHE A 424 -33.57 -31.79 47.70
N GLN A 425 -33.34 -32.13 48.97
CA GLN A 425 -34.39 -32.72 49.82
C GLN A 425 -35.36 -31.68 50.36
N THR A 426 -36.60 -32.11 50.58
CA THR A 426 -37.71 -31.25 50.90
C THR A 426 -37.84 -30.91 52.40
N ALA A 427 -37.01 -29.97 52.85
CA ALA A 427 -36.96 -29.53 54.24
C ALA A 427 -38.01 -28.47 54.60
N SER A 428 -38.14 -28.16 55.88
CA SER A 428 -39.07 -27.13 56.36
C SER A 428 -38.36 -26.07 57.21
N GLU A 429 -39.16 -25.11 57.73
CA GLU A 429 -38.67 -23.96 58.51
C GLU A 429 -37.68 -24.32 59.64
N ASP A 430 -38.03 -25.38 60.37
CA ASP A 430 -37.22 -25.91 61.48
C ASP A 430 -35.89 -26.50 60.99
N GLU A 431 -35.05 -25.58 60.50
CA GLU A 431 -33.75 -25.88 59.89
C GLU A 431 -32.89 -24.65 59.69
N LEU A 432 -33.54 -23.56 59.27
CA LEU A 432 -32.84 -22.41 58.67
C LEU A 432 -31.87 -21.64 59.58
N PRO A 433 -30.85 -20.99 58.97
CA PRO A 433 -29.98 -20.04 59.67
C PRO A 433 -30.75 -18.85 60.25
N GLU A 434 -30.13 -18.16 61.20
CA GLU A 434 -30.82 -17.24 62.12
C GLU A 434 -31.62 -16.16 61.42
N THR A 435 -30.90 -15.29 60.75
CA THR A 435 -31.49 -14.17 60.03
C THR A 435 -32.54 -14.66 59.00
N ARG A 436 -32.31 -15.84 58.42
CA ARG A 436 -33.16 -16.36 57.33
C ARG A 436 -34.53 -16.88 57.74
N ARG A 437 -34.61 -17.64 58.83
CA ARG A 437 -35.90 -18.12 59.36
C ARG A 437 -36.87 -16.94 59.60
N LYS A 438 -36.38 -15.91 60.29
CA LYS A 438 -37.12 -14.66 60.50
C LYS A 438 -37.89 -14.23 59.24
N ASP A 439 -37.14 -14.00 58.16
CA ASP A 439 -37.68 -13.43 56.90
C ASP A 439 -38.79 -14.26 56.25
N TYR A 440 -38.64 -15.58 56.40
CA TYR A 440 -39.55 -16.59 55.85
C TYR A 440 -41.00 -16.46 56.40
N ARG A 441 -41.47 -15.20 56.43
CA ARG A 441 -42.80 -14.79 56.90
C ARG A 441 -42.86 -13.27 56.89
N ASN A 446 -43.70 -16.63 52.18
CA ASN A 446 -43.44 -18.03 52.56
C ASN A 446 -43.46 -18.95 51.34
N SER A 447 -42.41 -19.78 51.19
CA SER A 447 -42.21 -20.59 49.98
C SER A 447 -41.45 -21.89 50.24
N HIS A 448 -41.61 -22.86 49.34
CA HIS A 448 -41.00 -24.19 49.49
C HIS A 448 -39.49 -24.17 49.74
N ILE A 449 -39.10 -24.47 50.98
CA ILE A 449 -37.70 -24.59 51.39
C ILE A 449 -37.12 -25.98 51.05
N LEU A 450 -35.97 -25.99 50.36
CA LEU A 450 -35.24 -27.23 50.09
C LEU A 450 -33.78 -27.11 50.49
N VAL A 451 -33.09 -28.25 50.51
CA VAL A 451 -31.65 -28.34 50.77
C VAL A 451 -31.12 -29.66 50.22
N ARG A 452 -29.92 -29.56 49.64
CA ARG A 452 -29.16 -30.72 49.23
C ARG A 452 -27.96 -30.73 50.15
N ARG A 453 -27.72 -31.89 50.74
CA ARG A 453 -26.65 -32.09 51.70
C ARG A 453 -25.32 -32.12 50.95
N LEU A 454 -24.44 -31.17 51.30
CA LEU A 454 -23.13 -31.12 50.67
C LEU A 454 -22.18 -32.13 51.27
N HIS A 455 -21.85 -33.14 50.47
CA HIS A 455 -20.77 -34.05 50.79
C HIS A 455 -19.52 -33.21 51.06
N ARG A 456 -19.18 -33.11 52.35
CA ARG A 456 -17.99 -32.37 52.80
C ARG A 456 -16.73 -33.21 52.55
N ASP B 25 37.51 12.22 -13.03
CA ASP B 25 37.93 13.30 -12.10
C ASP B 25 38.04 12.76 -10.66
N SER B 26 38.48 13.60 -9.72
CA SER B 26 38.53 13.28 -8.30
C SER B 26 37.13 13.02 -7.69
N PHE B 27 37.14 12.34 -6.54
CA PHE B 27 35.93 12.01 -5.82
C PHE B 27 35.16 13.27 -5.42
N VAL B 28 35.92 14.23 -4.87
CA VAL B 28 35.39 15.50 -4.44
C VAL B 28 34.69 16.24 -5.60
N ALA B 29 35.38 16.38 -6.73
CA ALA B 29 34.76 17.06 -7.84
C ALA B 29 33.45 16.37 -8.19
N HIS B 30 33.38 15.03 -8.10
CA HIS B 30 32.10 14.37 -8.48
C HIS B 30 31.02 14.58 -7.43
N PHE B 31 31.44 14.65 -6.19
CA PHE B 31 30.50 14.81 -5.12
C PHE B 31 29.94 16.24 -5.10
N ARG B 32 30.79 17.19 -5.50
CA ARG B 32 30.33 18.59 -5.60
C ARG B 32 29.27 18.68 -6.67
N GLU B 33 29.42 17.90 -7.72
CA GLU B 33 28.38 17.89 -8.70
C GLU B 33 27.10 17.11 -8.33
N ALA B 34 27.17 16.09 -7.48
CA ALA B 34 26.00 15.24 -7.21
C ALA B 34 25.15 15.73 -6.06
N ALA B 35 25.81 16.38 -5.11
CA ALA B 35 25.22 16.69 -3.82
C ALA B 35 24.02 17.62 -3.98
N PRO B 36 24.20 18.76 -4.66
CA PRO B 36 23.03 19.58 -4.90
C PRO B 36 21.85 18.79 -5.43
N TYR B 37 22.06 17.88 -6.36
CA TYR B 37 20.90 17.13 -6.91
C TYR B 37 20.25 16.24 -5.90
N ILE B 38 21.03 15.77 -4.93
CA ILE B 38 20.48 15.03 -3.78
C ILE B 38 19.61 15.90 -2.90
N ARG B 39 20.08 17.11 -2.54
CA ARG B 39 19.24 18.15 -1.91
C ARG B 39 17.92 18.31 -2.67
N GLN B 40 17.98 18.33 -4.00
CA GLN B 40 16.82 18.70 -4.78
C GLN B 40 15.90 17.55 -5.01
N MET B 41 16.45 16.38 -5.30
CA MET B 41 15.60 15.25 -5.61
C MET B 41 14.78 14.79 -4.41
N ARG B 42 15.35 14.81 -3.21
CA ARG B 42 14.67 14.31 -2.01
C ARG B 42 13.29 14.99 -1.81
N GLY B 43 12.24 14.21 -1.61
CA GLY B 43 10.90 14.76 -1.53
C GLY B 43 10.18 14.97 -2.87
N THR B 44 10.92 14.84 -3.95
CA THR B 44 10.50 15.01 -5.33
C THR B 44 9.76 13.77 -5.75
N THR B 45 8.86 13.90 -6.70
CA THR B 45 8.22 12.71 -7.24
C THR B 45 8.71 12.41 -8.63
N LEU B 46 8.98 11.14 -8.89
CA LEU B 46 9.46 10.67 -10.20
C LEU B 46 8.62 9.51 -10.68
N VAL B 47 7.99 9.64 -11.84
CA VAL B 47 7.23 8.52 -12.42
C VAL B 47 8.06 7.78 -13.49
N ALA B 48 8.29 6.49 -13.31
CA ALA B 48 9.15 5.75 -14.27
C ALA B 48 8.27 4.86 -15.10
N GLY B 49 8.31 5.03 -16.40
CA GLY B 49 7.65 4.09 -17.28
C GLY B 49 8.73 3.14 -17.73
N ILE B 50 8.71 1.91 -17.24
CA ILE B 50 9.73 0.93 -17.60
C ILE B 50 9.30 -0.04 -18.68
N ASP B 51 10.11 -0.14 -19.72
CA ASP B 51 9.93 -1.16 -20.77
C ASP B 51 9.85 -2.59 -20.19
N GLY B 52 8.81 -3.33 -20.55
CA GLY B 52 8.68 -4.74 -20.11
C GLY B 52 9.93 -5.60 -20.30
N ARG B 53 10.57 -5.43 -21.45
CA ARG B 53 11.74 -6.19 -21.79
C ARG B 53 12.88 -6.07 -20.78
N LEU B 54 12.91 -5.00 -19.99
CA LEU B 54 14.02 -4.75 -19.06
C LEU B 54 13.91 -5.58 -17.78
N LEU B 55 12.70 -6.05 -17.53
CA LEU B 55 12.39 -6.81 -16.35
C LEU B 55 12.62 -8.32 -16.49
N GLU B 56 13.82 -8.71 -16.92
CA GLU B 56 14.18 -10.11 -16.87
C GLU B 56 15.62 -10.49 -16.60
N GLY B 57 16.55 -9.95 -17.36
CA GLY B 57 17.89 -10.60 -17.37
C GLY B 57 18.77 -10.16 -16.23
N GLY B 58 20.05 -10.03 -16.52
CA GLY B 58 20.93 -9.28 -15.66
C GLY B 58 20.41 -7.87 -15.45
N THR B 59 19.64 -7.31 -16.40
CA THR B 59 19.25 -5.90 -16.27
C THR B 59 18.33 -5.66 -15.08
N LEU B 60 17.35 -6.55 -14.91
CA LEU B 60 16.40 -6.50 -13.79
C LEU B 60 17.10 -6.26 -12.47
N ASN B 61 18.02 -7.15 -12.11
CA ASN B 61 18.83 -6.98 -10.93
C ASN B 61 19.54 -5.62 -10.84
N LYS B 62 20.10 -5.14 -11.96
CA LYS B 62 20.72 -3.81 -12.00
C LYS B 62 19.69 -2.68 -11.70
N LEU B 63 18.57 -2.71 -12.41
CA LEU B 63 17.52 -1.76 -12.21
C LEU B 63 17.07 -1.74 -10.76
N ALA B 64 16.86 -2.91 -10.21
CA ALA B 64 16.30 -3.02 -8.88
C ALA B 64 17.25 -2.41 -7.85
N ALA B 65 18.54 -2.69 -7.99
CA ALA B 65 19.53 -2.15 -7.07
C ALA B 65 19.58 -0.63 -7.13
N ASP B 66 19.50 -0.07 -8.33
CA ASP B 66 19.56 1.38 -8.56
C ASP B 66 18.26 2.06 -8.13
N ILE B 67 17.15 1.45 -8.49
CA ILE B 67 15.87 1.91 -8.01
C ILE B 67 15.85 1.87 -6.49
N GLY B 68 16.40 0.82 -5.91
CA GLY B 68 16.54 0.76 -4.44
C GLY B 68 17.24 1.97 -3.84
N LEU B 69 18.42 2.30 -4.35
CA LEU B 69 19.19 3.49 -3.95
C LEU B 69 18.41 4.79 -4.03
N LEU B 70 17.83 5.07 -5.19
CA LEU B 70 16.94 6.22 -5.31
C LEU B 70 15.92 6.29 -4.18
N SER B 71 15.34 5.14 -3.85
CA SER B 71 14.33 5.08 -2.80
C SER B 71 15.00 5.49 -1.53
N GLN B 72 16.23 5.02 -1.37
CA GLN B 72 16.95 5.29 -0.14
C GLN B 72 17.46 6.74 -0.01
N LEU B 73 17.65 7.42 -1.14
CA LEU B 73 17.86 8.86 -1.16
C LEU B 73 16.57 9.70 -0.99
N GLY B 74 15.46 9.04 -0.66
CA GLY B 74 14.20 9.74 -0.40
C GLY B 74 13.46 10.24 -1.63
N ILE B 75 13.73 9.69 -2.82
CA ILE B 75 12.94 10.10 -3.97
C ILE B 75 11.65 9.34 -3.96
N ARG B 76 10.56 10.03 -4.27
CA ARG B 76 9.26 9.37 -4.27
C ARG B 76 9.03 8.72 -5.63
N LEU B 77 8.88 7.41 -5.64
CA LEU B 77 8.88 6.65 -6.86
C LEU B 77 7.61 5.88 -7.18
N VAL B 78 7.13 6.09 -8.40
CA VAL B 78 5.99 5.42 -8.91
C VAL B 78 6.44 4.66 -10.14
N LEU B 79 6.36 3.35 -10.13
CA LEU B 79 6.86 2.56 -11.25
C LEU B 79 5.74 1.90 -12.03
N ILE B 80 5.89 1.91 -13.35
CA ILE B 80 4.89 1.35 -14.26
C ILE B 80 5.57 0.65 -15.42
N HIS B 81 5.37 -0.65 -15.53
CA HIS B 81 5.98 -1.45 -16.60
C HIS B 81 5.10 -1.51 -17.84
N GLY B 82 5.71 -1.88 -18.96
CA GLY B 82 4.99 -2.05 -20.22
C GLY B 82 4.91 -3.54 -20.46
N ALA B 83 4.28 -3.95 -21.55
CA ALA B 83 3.87 -5.33 -21.76
C ALA B 83 3.52 -5.57 -23.19
N TYR B 84 3.58 -4.55 -24.05
CA TYR B 84 3.13 -4.80 -25.42
C TYR B 84 4.03 -5.81 -26.10
N HIS B 85 5.35 -5.75 -25.88
CA HIS B 85 6.27 -6.64 -26.58
C HIS B 85 6.06 -8.09 -26.15
N PHE B 86 5.79 -8.28 -24.87
CA PHE B 86 5.56 -9.61 -24.39
C PHE B 86 4.24 -10.11 -24.89
N LEU B 87 3.24 -9.25 -24.93
CA LEU B 87 1.94 -9.68 -25.46
C LEU B 87 2.03 -9.97 -26.96
N ASP B 88 2.88 -9.20 -27.67
CA ASP B 88 3.07 -9.32 -29.13
C ASP B 88 3.83 -10.61 -29.50
N ARG B 89 4.94 -10.90 -28.82
CA ARG B 89 5.64 -12.16 -28.98
C ARG B 89 4.71 -13.36 -28.66
N LEU B 90 4.11 -13.34 -27.47
CA LEU B 90 3.16 -14.38 -27.06
C LEU B 90 2.01 -14.68 -28.04
N ALA B 91 1.44 -13.64 -28.65
CA ALA B 91 0.39 -13.82 -29.62
C ALA B 91 0.93 -14.47 -30.88
N ALA B 92 1.93 -13.84 -31.51
CA ALA B 92 2.55 -14.40 -32.71
C ALA B 92 2.83 -15.88 -32.48
N ALA B 93 3.58 -16.19 -31.42
CA ALA B 93 3.97 -17.56 -31.08
C ALA B 93 2.80 -18.54 -31.01
N GLN B 94 1.57 -18.03 -30.94
CA GLN B 94 0.42 -18.92 -30.93
C GLN B 94 -0.63 -18.50 -31.98
N GLY B 95 -0.14 -18.14 -33.17
CA GLY B 95 -0.98 -18.04 -34.35
C GLY B 95 -1.75 -16.77 -34.63
N ARG B 96 -2.03 -15.97 -33.59
CA ARG B 96 -2.86 -14.78 -33.81
C ARG B 96 -2.00 -13.55 -33.98
N THR B 97 -2.09 -12.94 -35.14
CA THR B 97 -1.28 -11.76 -35.39
C THR B 97 -1.94 -10.53 -34.75
N PRO B 98 -1.17 -9.75 -33.98
CA PRO B 98 -1.67 -8.58 -33.24
C PRO B 98 -2.07 -7.38 -34.12
N HIS B 99 -3.24 -6.81 -33.89
CA HIS B 99 -3.74 -5.66 -34.64
C HIS B 99 -3.62 -4.33 -33.87
N TYR B 100 -3.00 -3.36 -34.54
CA TYR B 100 -2.97 -2.01 -34.03
C TYR B 100 -3.79 -1.16 -34.93
N CYS B 101 -4.48 -0.25 -34.30
CA CYS B 101 -5.51 0.40 -35.01
C CYS B 101 -5.19 1.83 -34.73
N ARG B 102 -4.61 2.50 -35.73
CA ARG B 102 -4.19 3.89 -35.62
C ARG B 102 -3.13 4.11 -34.54
N GLY B 103 -2.42 3.06 -34.16
CA GLY B 103 -1.41 3.16 -33.09
C GLY B 103 -1.66 2.39 -31.81
N LEU B 104 -2.91 2.25 -31.37
CA LEU B 104 -3.11 1.48 -30.13
C LEU B 104 -3.47 0.02 -30.32
N ARG B 105 -3.06 -0.81 -29.36
CA ARG B 105 -3.23 -2.22 -29.48
C ARG B 105 -4.70 -2.57 -29.35
N VAL B 106 -5.19 -3.48 -30.20
CA VAL B 106 -6.43 -4.22 -29.87
C VAL B 106 -6.05 -5.31 -28.87
N THR B 107 -6.76 -5.38 -27.75
CA THR B 107 -6.53 -6.45 -26.76
C THR B 107 -7.78 -7.28 -26.54
N ASP B 108 -7.77 -8.50 -27.08
CA ASP B 108 -8.87 -9.43 -26.88
C ASP B 108 -8.79 -10.10 -25.51
N GLU B 109 -9.93 -10.64 -25.09
CA GLU B 109 -10.02 -11.45 -23.87
C GLU B 109 -8.81 -12.31 -23.55
N THR B 110 -8.33 -13.11 -24.51
CA THR B 110 -7.14 -13.95 -24.28
C THR B 110 -5.92 -13.14 -23.88
N SER B 111 -5.69 -12.03 -24.56
CA SER B 111 -4.54 -11.20 -24.32
C SER B 111 -4.67 -10.54 -22.95
N LEU B 112 -5.80 -9.91 -22.71
CA LEU B 112 -6.11 -9.36 -21.42
C LEU B 112 -5.70 -10.38 -20.39
N GLY B 113 -6.24 -11.59 -20.56
CA GLY B 113 -5.99 -12.72 -19.68
C GLY B 113 -4.51 -12.91 -19.46
N GLN B 114 -3.73 -12.89 -20.54
CA GLN B 114 -2.27 -13.09 -20.42
C GLN B 114 -1.61 -11.88 -19.80
N ALA B 115 -2.24 -10.72 -19.96
CA ALA B 115 -1.68 -9.46 -19.45
C ALA B 115 -1.73 -9.49 -17.92
N GLN B 116 -2.86 -9.94 -17.38
CA GLN B 116 -2.96 -10.16 -15.93
C GLN B 116 -1.88 -11.12 -15.44
N GLN B 117 -1.59 -12.14 -16.23
CA GLN B 117 -0.61 -13.14 -15.82
C GLN B 117 0.77 -12.53 -15.80
N PHE B 118 1.04 -11.70 -16.78
CA PHE B 118 2.35 -11.15 -16.97
C PHE B 118 2.69 -10.19 -15.84
N ALA B 119 1.74 -9.32 -15.51
CA ALA B 119 1.87 -8.39 -14.41
C ALA B 119 2.22 -9.13 -13.11
N GLY B 120 1.54 -10.27 -12.89
CA GLY B 120 1.79 -11.11 -11.72
C GLY B 120 3.27 -11.49 -11.78
N THR B 121 3.70 -12.12 -12.89
CA THR B 121 5.05 -12.66 -12.95
C THR B 121 6.10 -11.55 -12.80
N VAL B 122 5.90 -10.43 -13.47
CA VAL B 122 6.89 -9.34 -13.41
C VAL B 122 6.92 -8.69 -12.03
N ARG B 123 5.79 -8.67 -11.34
CA ARG B 123 5.72 -8.15 -10.01
C ARG B 123 6.60 -8.99 -9.08
N SER B 124 6.36 -10.31 -9.06
CA SER B 124 7.13 -11.20 -8.21
C SER B 124 8.63 -11.01 -8.44
N ARG B 125 8.99 -11.07 -9.72
CA ARG B 125 10.37 -11.06 -10.19
C ARG B 125 11.07 -9.80 -9.68
N PHE B 126 10.39 -8.67 -9.78
CA PHE B 126 10.89 -7.43 -9.24
C PHE B 126 11.04 -7.43 -7.69
N GLU B 127 10.06 -7.96 -6.94
CA GLU B 127 10.21 -7.99 -5.47
C GLU B 127 11.47 -8.81 -5.09
N ALA B 128 11.63 -9.96 -5.71
CA ALA B 128 12.75 -10.85 -5.44
C ALA B 128 14.10 -10.17 -5.70
N ALA B 129 14.15 -9.41 -6.79
CA ALA B 129 15.38 -8.76 -7.22
C ALA B 129 15.62 -7.69 -6.22
N LEU B 130 14.58 -6.95 -5.89
CA LEU B 130 14.68 -5.92 -4.87
C LEU B 130 15.17 -6.46 -3.52
N CYS B 131 14.59 -7.58 -3.12
CA CYS B 131 14.92 -8.18 -1.86
C CYS B 131 16.40 -8.65 -1.81
N GLY B 132 16.87 -9.20 -2.94
CA GLY B 132 18.17 -9.81 -2.98
C GLY B 132 19.24 -8.92 -3.56
N SER B 133 18.99 -7.62 -3.65
CA SER B 133 20.00 -6.75 -4.26
C SER B 133 20.80 -6.09 -3.17
N VAL B 134 21.97 -5.54 -3.50
CA VAL B 134 22.67 -4.74 -2.49
C VAL B 134 23.07 -3.35 -2.96
N SER B 135 23.20 -2.44 -2.01
CA SER B 135 23.41 -1.00 -2.25
C SER B 135 24.89 -0.57 -2.07
N GLY B 136 25.57 -1.28 -1.20
CA GLY B 136 26.99 -1.16 -1.02
C GLY B 136 27.43 -2.31 -0.13
N PHE B 137 28.45 -2.03 0.67
CA PHE B 137 29.08 -3.03 1.51
C PHE B 137 28.44 -3.14 2.88
N ALA B 138 27.97 -2.01 3.41
CA ALA B 138 27.27 -2.02 4.71
C ALA B 138 25.81 -2.48 4.59
N ARG B 139 25.20 -2.79 5.72
CA ARG B 139 23.87 -3.35 5.72
C ARG B 139 22.79 -2.27 5.76
N ALA B 140 21.89 -2.31 4.79
CA ALA B 140 20.88 -1.30 4.66
C ALA B 140 19.53 -1.83 5.15
N PRO B 141 18.57 -0.94 5.49
CA PRO B 141 17.19 -1.45 5.71
C PRO B 141 16.60 -1.95 4.39
N SER B 142 15.62 -2.83 4.46
CA SER B 142 14.98 -3.32 3.25
C SER B 142 14.10 -2.23 2.60
N VAL B 143 13.68 -2.45 1.36
CA VAL B 143 13.01 -1.40 0.63
C VAL B 143 11.51 -1.72 0.41
N PRO B 144 10.62 -0.85 0.90
CA PRO B 144 9.20 -1.18 0.98
C PRO B 144 8.53 -0.95 -0.37
N LEU B 145 7.70 -1.88 -0.82
CA LEU B 145 7.10 -1.75 -2.13
C LEU B 145 5.64 -2.12 -2.05
N VAL B 146 4.82 -1.36 -2.76
CA VAL B 146 3.40 -1.41 -2.57
C VAL B 146 2.67 -1.26 -3.91
N SER B 147 1.54 -1.97 -4.05
CA SER B 147 0.59 -1.77 -5.12
C SER B 147 -0.81 -1.69 -4.54
N GLY B 148 -1.78 -1.23 -5.32
CA GLY B 148 -3.20 -1.22 -4.90
C GLY B 148 -4.11 -0.81 -6.06
N ASN B 149 -5.39 -0.54 -5.77
CA ASN B 149 -6.33 -0.30 -6.85
C ASN B 149 -6.47 1.15 -7.28
N PHE B 150 -5.35 1.78 -7.67
CA PHE B 150 -5.29 3.25 -7.92
C PHE B 150 -5.91 3.75 -9.23
N LEU B 151 -6.05 2.87 -10.20
CA LEU B 151 -6.42 3.29 -11.53
C LEU B 151 -7.75 2.70 -11.87
N THR B 152 -8.69 3.55 -12.19
CA THR B 152 -9.93 3.03 -12.71
C THR B 152 -9.95 3.42 -14.17
N ALA B 153 -10.13 2.40 -15.00
CA ALA B 153 -9.99 2.51 -16.45
C ALA B 153 -11.35 2.39 -17.17
N ARG B 154 -11.33 2.76 -18.44
CA ARG B 154 -12.51 2.64 -19.25
C ARG B 154 -12.05 2.21 -20.63
N PRO B 155 -12.93 1.49 -21.35
CA PRO B 155 -12.69 1.00 -22.71
C PRO B 155 -12.57 2.15 -23.70
N ILE B 156 -11.64 2.07 -24.65
CA ILE B 156 -11.56 3.09 -25.69
C ILE B 156 -12.81 3.04 -26.58
N GLY B 157 -13.33 1.81 -26.78
CA GLY B 157 -14.51 1.58 -27.61
C GLY B 157 -14.16 1.14 -29.01
N VAL B 158 -14.61 1.92 -29.99
CA VAL B 158 -14.49 1.57 -31.40
C VAL B 158 -13.75 2.69 -32.12
N ILE B 159 -12.81 2.32 -32.98
CA ILE B 159 -12.08 3.28 -33.78
C ILE B 159 -12.08 2.83 -35.22
N ASP B 160 -12.50 3.73 -36.12
CA ASP B 160 -12.50 3.46 -37.57
C ASP B 160 -13.24 2.19 -37.90
N GLY B 161 -14.29 1.92 -37.14
CA GLY B 161 -15.07 0.71 -37.29
C GLY B 161 -14.58 -0.48 -36.49
N THR B 162 -13.31 -0.46 -36.06
CA THR B 162 -12.76 -1.59 -35.31
C THR B 162 -13.11 -1.49 -33.87
N ASP B 163 -13.54 -2.61 -33.31
CA ASP B 163 -13.74 -2.74 -31.88
C ASP B 163 -12.37 -2.93 -31.19
N MET B 164 -12.03 -2.05 -30.26
CA MET B 164 -10.74 -2.14 -29.52
C MET B 164 -10.81 -3.13 -28.37
N GLU B 165 -12.01 -3.69 -28.18
CA GLU B 165 -12.25 -4.72 -27.17
C GLU B 165 -11.77 -4.28 -25.79
N TYR B 166 -10.84 -5.00 -25.17
CA TYR B 166 -10.37 -4.70 -23.79
C TYR B 166 -9.24 -3.67 -23.68
N ALA B 167 -8.90 -3.01 -24.79
CA ALA B 167 -7.98 -1.88 -24.73
C ALA B 167 -8.67 -0.77 -23.94
N GLY B 168 -7.92 -0.13 -23.06
CA GLY B 168 -8.55 0.82 -22.16
C GLY B 168 -7.73 2.03 -21.94
N VAL B 169 -8.33 2.98 -21.25
CA VAL B 169 -7.63 4.23 -20.95
C VAL B 169 -7.96 4.64 -19.52
N ILE B 170 -7.07 5.40 -18.90
CA ILE B 170 -7.35 5.80 -17.50
C ILE B 170 -8.58 6.66 -17.48
N ARG B 171 -9.53 6.32 -16.61
CA ARG B 171 -10.69 7.21 -16.32
C ARG B 171 -10.51 8.13 -15.10
N LYS B 172 -9.92 7.58 -14.04
CA LYS B 172 -9.91 8.20 -12.70
C LYS B 172 -8.75 7.61 -12.00
N THR B 173 -8.04 8.46 -11.26
CA THR B 173 -6.83 8.05 -10.58
C THR B 173 -6.82 8.47 -9.10
N ASP B 174 -6.58 7.51 -8.20
CA ASP B 174 -6.73 7.77 -6.77
C ASP B 174 -5.48 8.49 -6.23
N THR B 175 -5.38 9.76 -6.58
CA THR B 175 -4.20 10.54 -6.36
C THR B 175 -3.87 10.61 -4.88
N ALA B 176 -4.91 10.58 -4.05
CA ALA B 176 -4.76 10.78 -2.65
C ALA B 176 -4.20 9.51 -2.06
N ALA B 177 -4.54 8.37 -2.65
CA ALA B 177 -4.00 7.12 -2.18
C ALA B 177 -2.53 7.06 -2.54
N LEU B 178 -2.19 7.53 -3.73
CA LEU B 178 -0.82 7.51 -4.17
C LEU B 178 0.05 8.37 -3.27
N ARG B 179 -0.31 9.65 -3.15
CA ARG B 179 0.40 10.57 -2.23
C ARG B 179 0.56 9.97 -0.86
N PHE B 180 -0.46 9.27 -0.39
CA PHE B 180 -0.37 8.68 0.91
C PHE B 180 0.73 7.59 0.98
N GLN B 181 0.72 6.66 0.02
CA GLN B 181 1.77 5.68 -0.08
C GLN B 181 3.13 6.36 -0.19
N LEU B 182 3.23 7.42 -1.01
CA LEU B 182 4.50 8.03 -1.23
C LEU B 182 5.05 8.79 -0.04
N ASP B 183 4.18 9.48 0.70
CA ASP B 183 4.58 10.20 1.91
C ASP B 183 5.10 9.25 3.00
N ALA B 184 4.65 8.01 2.95
CA ALA B 184 5.10 7.03 3.91
C ALA B 184 6.44 6.36 3.49
N GLY B 185 7.03 6.80 2.37
CA GLY B 185 8.29 6.26 1.92
C GLY B 185 8.17 5.04 1.02
N ASN B 186 6.97 4.61 0.63
CA ASN B 186 6.86 3.42 -0.22
C ASN B 186 7.11 3.67 -1.73
N ILE B 187 7.82 2.75 -2.34
CA ILE B 187 7.77 2.63 -3.76
C ILE B 187 6.44 2.05 -4.18
N VAL B 188 5.83 2.65 -5.20
CA VAL B 188 4.53 2.22 -5.69
C VAL B 188 4.76 1.50 -7.01
N TRP B 189 4.13 0.36 -7.17
CA TRP B 189 4.32 -0.47 -8.35
C TRP B 189 2.96 -0.51 -9.05
N MET B 190 2.91 -0.03 -10.30
CA MET B 190 1.67 -0.18 -11.05
C MET B 190 1.85 -0.99 -12.32
N PRO B 191 0.95 -1.96 -12.53
CA PRO B 191 0.96 -2.68 -13.80
C PRO B 191 0.15 -1.88 -14.87
N PRO B 192 0.38 -2.13 -16.18
CA PRO B 192 -0.47 -1.42 -17.18
C PRO B 192 -1.87 -2.03 -17.34
N LEU B 193 -2.60 -2.05 -16.23
CA LEU B 193 -3.95 -2.62 -16.14
C LEU B 193 -4.81 -1.66 -15.33
N GLY B 194 -6.13 -1.61 -15.60
CA GLY B 194 -7.01 -0.93 -14.68
C GLY B 194 -8.37 -1.60 -14.63
N HIS B 195 -9.11 -1.34 -13.56
CA HIS B 195 -10.47 -1.85 -13.41
C HIS B 195 -11.48 -0.77 -13.84
N SER B 196 -12.71 -1.17 -14.14
CA SER B 196 -13.73 -0.23 -14.55
C SER B 196 -14.91 -0.30 -13.58
N TYR B 197 -15.72 0.77 -13.56
CA TYR B 197 -16.96 0.77 -12.81
C TYR B 197 -17.88 -0.36 -13.26
N GLY B 198 -17.75 -0.77 -14.52
CA GLY B 198 -18.55 -1.89 -15.03
C GLY B 198 -18.04 -3.26 -14.62
N GLY B 199 -16.95 -3.32 -13.85
CA GLY B 199 -16.50 -4.57 -13.24
C GLY B 199 -15.57 -5.42 -14.10
N LYS B 200 -14.85 -4.80 -15.02
CA LYS B 200 -13.95 -5.51 -15.93
C LYS B 200 -12.57 -4.89 -15.86
N THR B 201 -11.59 -5.62 -16.39
CA THR B 201 -10.22 -5.18 -16.41
C THR B 201 -9.83 -4.67 -17.81
N PHE B 202 -9.03 -3.63 -17.89
CA PHE B 202 -8.58 -3.15 -19.19
C PHE B 202 -7.09 -3.02 -19.31
N ASN B 203 -6.61 -3.18 -20.53
CA ASN B 203 -5.20 -3.08 -20.84
C ASN B 203 -4.89 -1.63 -21.01
N LEU B 204 -3.94 -1.12 -20.23
CA LEU B 204 -3.49 0.22 -20.51
C LEU B 204 -2.21 0.25 -21.36
N ASP B 205 -1.99 1.39 -22.03
CA ASP B 205 -0.74 1.69 -22.72
C ASP B 205 0.18 2.37 -21.74
N MET B 206 1.31 1.75 -21.44
CA MET B 206 2.23 2.28 -20.37
C MET B 206 2.79 3.71 -20.58
N VAL B 207 3.31 3.98 -21.78
CA VAL B 207 3.89 5.26 -22.12
C VAL B 207 2.88 6.35 -21.77
N GLN B 208 1.62 6.10 -22.06
CA GLN B 208 0.56 7.08 -21.83
C GLN B 208 0.10 7.10 -20.40
N ALA B 209 -0.01 5.94 -19.78
CA ALA B 209 -0.55 5.91 -18.43
C ALA B 209 0.44 6.52 -17.48
N ALA B 210 1.73 6.36 -17.81
CA ALA B 210 2.76 6.98 -16.99
C ALA B 210 2.65 8.49 -17.13
N ALA B 211 2.31 8.97 -18.33
CA ALA B 211 2.25 10.42 -18.55
C ALA B 211 1.07 10.96 -17.75
N SER B 212 -0.02 10.22 -17.85
CA SER B 212 -1.24 10.60 -17.21
C SER B 212 -1.06 10.56 -15.69
N VAL B 213 -0.49 9.50 -15.15
CA VAL B 213 -0.28 9.49 -13.72
C VAL B 213 0.60 10.64 -13.31
N ALA B 214 1.66 10.93 -14.08
CA ALA B 214 2.58 11.98 -13.70
C ALA B 214 1.82 13.31 -13.65
N VAL B 215 0.93 13.55 -14.65
CA VAL B 215 0.19 14.83 -14.65
C VAL B 215 -0.71 14.92 -13.42
N SER B 216 -1.33 13.79 -13.09
CA SER B 216 -2.21 13.70 -11.94
C SER B 216 -1.55 14.07 -10.65
N LEU B 217 -0.31 13.65 -10.43
CA LEU B 217 0.28 13.99 -9.15
C LEU B 217 1.35 15.13 -9.21
N GLN B 218 1.33 15.84 -10.32
CA GLN B 218 2.19 16.94 -10.58
C GLN B 218 3.65 16.58 -10.34
N ALA B 219 4.04 15.45 -10.92
CA ALA B 219 5.37 14.93 -10.67
C ALA B 219 6.38 15.86 -11.31
N GLU B 220 7.50 16.06 -10.61
CA GLU B 220 8.64 16.84 -11.12
C GLU B 220 9.34 16.12 -12.27
N LYS B 221 9.29 14.78 -12.33
CA LYS B 221 9.98 14.08 -13.41
C LYS B 221 9.18 12.88 -13.92
N LEU B 222 9.21 12.70 -15.22
CA LEU B 222 8.63 11.54 -15.85
C LEU B 222 9.80 10.97 -16.61
N VAL B 223 10.12 9.73 -16.30
CA VAL B 223 11.29 9.08 -16.84
C VAL B 223 10.88 7.87 -17.65
N TYR B 224 11.26 7.81 -18.90
CA TYR B 224 11.04 6.58 -19.68
C TYR B 224 12.31 5.77 -19.81
N LEU B 225 12.25 4.54 -19.25
CA LEU B 225 13.41 3.65 -19.32
C LEU B 225 13.21 2.73 -20.48
N THR B 226 14.10 2.84 -21.45
CA THR B 226 13.84 2.19 -22.72
C THR B 226 15.02 1.28 -23.07
N LEU B 227 15.04 0.73 -24.28
CA LEU B 227 16.24 0.03 -24.72
C LEU B 227 17.09 0.93 -25.62
N SER B 228 16.86 2.23 -25.54
CA SER B 228 17.59 3.17 -26.37
C SER B 228 18.12 4.35 -25.59
N ASP B 229 19.18 4.93 -26.12
CA ASP B 229 19.88 6.03 -25.45
C ASP B 229 19.05 7.29 -25.24
N GLY B 230 17.92 7.37 -25.91
CA GLY B 230 17.05 8.48 -25.80
C GLY B 230 16.66 8.79 -27.20
N ILE B 231 16.27 10.02 -27.45
CA ILE B 231 15.78 10.35 -28.75
C ILE B 231 16.92 10.75 -29.65
N SER B 232 17.12 10.00 -30.72
CA SER B 232 18.12 10.36 -31.71
C SER B 232 17.56 11.31 -32.76
N ARG B 233 18.40 12.20 -33.27
CA ARG B 233 18.09 13.03 -34.44
C ARG B 233 18.27 12.24 -35.75
N PRO B 234 17.59 12.67 -36.85
CA PRO B 234 17.57 11.98 -38.16
C PRO B 234 18.95 11.57 -38.73
N ASP B 235 20.00 11.96 -38.01
CA ASP B 235 21.38 11.88 -38.47
C ASP B 235 22.14 10.97 -37.51
N GLY B 236 21.44 10.46 -36.51
CA GLY B 236 21.95 9.48 -35.54
C GLY B 236 22.31 10.06 -34.18
N THR B 237 22.72 11.32 -34.15
CA THR B 237 23.19 11.94 -32.92
C THR B 237 22.09 11.88 -31.89
N LEU B 238 22.45 11.45 -30.68
CA LEU B 238 21.54 11.58 -29.57
C LEU B 238 21.19 13.04 -29.38
N ALA B 239 19.89 13.33 -29.34
CA ALA B 239 19.34 14.66 -29.00
C ALA B 239 20.02 15.23 -27.73
N GLU B 240 19.46 14.99 -26.56
CA GLU B 240 20.15 15.44 -25.33
C GLU B 240 19.26 16.34 -24.49
N THR B 241 18.78 17.41 -25.12
CA THR B 241 17.80 18.30 -24.52
C THR B 241 16.84 18.68 -25.63
N LEU B 242 15.57 18.77 -25.35
CA LEU B 242 14.66 19.22 -26.38
C LEU B 242 13.63 20.11 -25.74
N SER B 243 13.21 21.16 -26.44
CA SER B 243 12.02 21.85 -26.00
C SER B 243 10.87 21.04 -26.57
N ALA B 244 9.66 21.24 -26.06
CA ALA B 244 8.50 20.56 -26.61
C ALA B 244 8.31 20.83 -28.12
N GLN B 245 8.40 22.11 -28.50
CA GLN B 245 8.34 22.49 -29.90
C GLN B 245 9.35 21.68 -30.74
N GLU B 246 10.60 21.58 -30.30
CA GLU B 246 11.59 20.81 -31.07
C GLU B 246 11.25 19.32 -31.06
N ALA B 247 10.76 18.82 -29.93
CA ALA B 247 10.37 17.45 -29.84
C ALA B 247 9.24 17.10 -30.86
N GLN B 248 8.24 17.96 -30.97
CA GLN B 248 7.17 17.71 -31.95
C GLN B 248 7.68 17.70 -33.36
N SER B 249 8.66 18.56 -33.68
CA SER B 249 9.33 18.53 -35.00
C SER B 249 9.92 17.16 -35.31
N LEU B 250 10.76 16.67 -34.39
CA LEU B 250 11.32 15.35 -34.53
C LEU B 250 10.27 14.27 -34.77
N ALA B 251 9.08 14.46 -34.23
CA ALA B 251 8.07 13.40 -34.29
C ALA B 251 7.36 13.28 -35.63
N GLU B 252 7.44 14.33 -36.44
CA GLU B 252 6.74 14.33 -37.73
C GLU B 252 6.90 13.03 -38.51
N HIS B 253 8.13 12.56 -38.65
CA HIS B 253 8.40 11.47 -39.58
C HIS B 253 9.09 10.25 -38.97
N ALA B 254 8.98 10.12 -37.65
CA ALA B 254 9.76 9.16 -36.90
C ALA B 254 8.98 7.90 -36.55
N ALA B 255 9.67 6.90 -36.01
CA ALA B 255 9.03 5.62 -35.69
C ALA B 255 7.88 5.84 -34.74
N SER B 256 6.77 5.18 -35.02
CA SER B 256 5.58 5.26 -34.15
C SER B 256 5.91 5.05 -32.67
N GLU B 257 6.91 4.22 -32.38
CA GLU B 257 7.38 4.08 -31.01
C GLU B 257 7.97 5.38 -30.47
N THR B 258 8.93 5.98 -31.17
CA THR B 258 9.40 7.33 -30.73
C THR B 258 8.33 8.44 -30.84
N ARG B 259 7.26 8.17 -31.58
CA ARG B 259 6.21 9.12 -31.82
C ARG B 259 5.30 9.10 -30.60
N ARG B 260 4.90 7.90 -30.18
CA ARG B 260 4.13 7.70 -28.95
C ARG B 260 4.80 8.35 -27.74
N LEU B 261 6.07 8.05 -27.51
CA LEU B 261 6.85 8.72 -26.47
C LEU B 261 6.71 10.23 -26.43
N ILE B 262 6.86 10.84 -27.58
CA ILE B 262 6.91 12.29 -27.66
C ILE B 262 5.50 12.90 -27.51
N SER B 263 4.54 12.31 -28.19
CA SER B 263 3.19 12.64 -27.95
C SER B 263 2.87 12.59 -26.42
N SER B 264 3.30 11.58 -25.71
CA SER B 264 3.03 11.53 -24.30
C SER B 264 3.87 12.48 -23.43
N ALA B 265 5.11 12.74 -23.84
CA ALA B 265 5.98 13.56 -23.05
C ALA B 265 5.47 15.02 -23.10
N VAL B 266 5.00 15.41 -24.27
CA VAL B 266 4.63 16.77 -24.52
C VAL B 266 3.36 17.00 -23.71
N ALA B 267 2.46 16.01 -23.72
CA ALA B 267 1.23 16.11 -22.95
C ALA B 267 1.53 16.24 -21.46
N ALA B 268 2.49 15.46 -20.96
CA ALA B 268 2.92 15.63 -19.58
C ALA B 268 3.43 17.04 -19.25
N LEU B 269 4.29 17.56 -20.13
CA LEU B 269 4.88 18.87 -19.99
C LEU B 269 3.77 19.92 -20.01
N GLU B 270 2.81 19.71 -20.90
CA GLU B 270 1.65 20.59 -20.99
C GLU B 270 0.79 20.62 -19.71
N GLY B 271 0.67 19.45 -19.07
CA GLY B 271 -0.04 19.28 -17.82
C GLY B 271 0.75 19.69 -16.57
N GLY B 272 2.00 20.12 -16.67
CA GLY B 272 2.71 20.50 -15.45
C GLY B 272 3.93 19.70 -15.00
N VAL B 273 4.18 18.51 -15.54
CA VAL B 273 5.40 17.79 -15.24
C VAL B 273 6.57 18.69 -15.62
N HIS B 274 7.58 18.83 -14.73
CA HIS B 274 8.72 19.71 -14.97
C HIS B 274 9.63 19.22 -16.14
N ARG B 275 9.92 17.93 -16.17
CA ARG B 275 10.89 17.39 -17.11
C ARG B 275 10.47 16.00 -17.49
N VAL B 276 10.66 15.65 -18.74
CA VAL B 276 10.54 14.27 -19.10
C VAL B 276 11.82 13.74 -19.70
N GLN B 277 12.34 12.69 -19.09
CA GLN B 277 13.62 12.12 -19.44
C GLN B 277 13.53 10.74 -20.04
N ILE B 278 14.33 10.51 -21.09
CA ILE B 278 14.27 9.24 -21.83
C ILE B 278 15.64 8.59 -21.81
N LEU B 279 15.76 7.41 -21.23
CA LEU B 279 17.07 6.79 -21.23
C LEU B 279 17.06 5.33 -21.65
N ASN B 280 18.27 4.76 -21.60
CA ASN B 280 18.51 3.37 -21.79
C ASN B 280 18.59 2.69 -20.45
N GLY B 281 17.59 1.85 -20.16
CA GLY B 281 17.50 1.20 -18.87
C GLY B 281 18.44 0.02 -18.79
N ALA B 282 18.92 -0.44 -19.94
CA ALA B 282 19.87 -1.55 -20.02
C ALA B 282 21.34 -1.11 -19.97
N ALA B 283 21.60 0.17 -19.70
CA ALA B 283 22.96 0.67 -19.61
C ALA B 283 23.30 0.90 -18.18
N ASP B 284 24.40 0.34 -17.71
CA ASP B 284 24.72 0.33 -16.29
C ASP B 284 24.79 1.75 -15.72
N GLY B 285 24.09 2.00 -14.62
CA GLY B 285 24.14 3.30 -13.93
C GLY B 285 23.48 4.47 -14.66
N SER B 286 22.93 4.22 -15.84
CA SER B 286 22.18 5.25 -16.59
C SER B 286 21.38 6.22 -15.74
N LEU B 287 20.44 5.68 -14.97
CA LEU B 287 19.62 6.41 -14.03
C LEU B 287 20.37 7.32 -13.07
N LEU B 288 21.57 6.94 -12.71
CA LEU B 288 22.28 7.69 -11.72
C LEU B 288 23.06 8.79 -12.39
N GLN B 289 23.46 8.56 -13.61
CA GLN B 289 24.15 9.55 -14.42
C GLN B 289 23.15 10.64 -14.89
N GLU B 290 21.95 10.22 -15.29
CA GLU B 290 20.93 11.16 -15.71
C GLU B 290 20.51 12.08 -14.57
N LEU B 291 20.19 11.50 -13.40
CA LEU B 291 19.62 12.28 -12.30
C LEU B 291 20.64 13.08 -11.49
N PHE B 292 21.90 12.66 -11.46
CA PHE B 292 22.83 13.35 -10.59
C PHE B 292 23.98 14.13 -11.24
N THR B 293 24.02 14.17 -12.56
CA THR B 293 24.96 15.04 -13.22
C THR B 293 24.22 16.11 -14.00
N ARG B 294 24.92 17.20 -14.32
CA ARG B 294 24.33 18.28 -15.09
C ARG B 294 24.08 17.92 -16.55
N ASN B 295 24.97 17.16 -17.18
CA ASN B 295 24.66 16.73 -18.55
C ASN B 295 23.74 15.53 -18.68
N GLY B 296 23.76 14.60 -17.73
CA GLY B 296 23.03 13.35 -17.89
C GLY B 296 23.63 12.46 -18.96
N ILE B 297 22.91 11.41 -19.36
CA ILE B 297 23.14 10.64 -20.59
C ILE B 297 21.73 10.74 -21.09
N GLY B 298 21.37 10.21 -22.24
CA GLY B 298 19.94 10.35 -22.58
C GLY B 298 19.40 11.76 -22.89
N THR B 299 18.08 11.82 -23.05
CA THR B 299 17.38 12.95 -23.58
C THR B 299 16.51 13.60 -22.51
N SER B 300 16.72 14.90 -22.30
CA SER B 300 15.85 15.59 -21.36
C SER B 300 14.89 16.49 -22.14
N ILE B 301 13.60 16.52 -21.76
CA ILE B 301 12.68 17.37 -22.48
C ILE B 301 11.94 18.33 -21.55
N ALA B 302 11.78 19.58 -21.98
CA ALA B 302 11.12 20.57 -21.11
C ALA B 302 10.12 21.34 -21.94
N LYS B 303 9.10 21.88 -21.26
CA LYS B 303 8.08 22.76 -21.86
C LYS B 303 8.70 23.89 -22.71
N GLU B 304 9.68 24.57 -22.17
CA GLU B 304 10.26 25.66 -22.88
C GLU B 304 11.75 25.41 -23.13
N ALA B 305 12.38 26.20 -23.98
CA ALA B 305 13.84 26.09 -24.21
C ALA B 305 14.59 26.01 -22.88
N PHE B 306 15.56 25.11 -22.79
CA PHE B 306 16.53 25.16 -21.69
C PHE B 306 17.25 26.46 -22.00
N VAL B 307 17.97 27.07 -21.08
CA VAL B 307 18.60 28.42 -21.44
C VAL B 307 17.56 29.51 -21.44
N SER B 308 17.61 30.38 -20.47
CA SER B 308 16.77 31.57 -20.51
C SER B 308 17.62 32.67 -19.91
N ILE B 309 17.24 33.90 -20.19
CA ILE B 309 17.91 35.02 -19.59
C ILE B 309 16.85 35.78 -18.82
N ARG B 310 17.14 36.07 -17.57
CA ARG B 310 16.17 36.72 -16.71
C ARG B 310 16.92 37.81 -15.97
N GLN B 311 16.14 38.67 -15.33
CA GLN B 311 16.61 39.73 -14.52
C GLN B 311 17.02 39.22 -13.15
N ALA B 312 18.16 39.69 -12.66
CA ALA B 312 18.69 39.23 -11.37
C ALA B 312 17.92 39.77 -10.17
N HIS B 313 17.97 39.02 -9.08
CA HIS B 313 17.50 39.47 -7.77
C HIS B 313 18.56 39.31 -6.67
N SER B 314 18.32 39.90 -5.51
CA SER B 314 19.26 39.80 -4.39
C SER B 314 19.69 38.32 -4.15
N GLY B 315 18.75 37.40 -4.28
CA GLY B 315 19.02 35.96 -4.21
C GLY B 315 20.13 35.42 -5.11
N ASP B 316 20.33 36.03 -6.26
CA ASP B 316 21.43 35.62 -7.15
C ASP B 316 22.79 36.20 -6.83
N ILE B 317 22.87 37.24 -6.00
CA ILE B 317 24.16 37.82 -5.64
C ILE B 317 25.22 36.75 -5.33
N PRO B 318 24.94 35.79 -4.43
CA PRO B 318 26.01 34.81 -4.23
C PRO B 318 26.43 34.05 -5.50
N HIS B 319 25.52 33.77 -6.42
CA HIS B 319 25.94 33.07 -7.63
C HIS B 319 26.75 33.94 -8.52
N ILE B 320 26.40 35.21 -8.56
CA ILE B 320 27.15 36.19 -9.34
C ILE B 320 28.53 36.41 -8.72
N ALA B 321 28.56 36.54 -7.40
CA ALA B 321 29.85 36.64 -6.70
C ALA B 321 30.71 35.46 -7.10
N ALA B 322 30.17 34.23 -7.04
CA ALA B 322 30.99 33.04 -7.31
C ALA B 322 31.38 32.97 -8.78
N LEU B 323 30.60 33.66 -9.59
CA LEU B 323 30.80 33.70 -11.04
C LEU B 323 31.87 34.73 -11.38
N ILE B 324 32.11 35.65 -10.45
CA ILE B 324 33.11 36.71 -10.57
C ILE B 324 34.46 36.39 -9.87
N ARG B 325 34.43 35.67 -8.75
CA ARG B 325 35.64 35.33 -7.97
C ARG B 325 36.82 34.93 -8.85
N PRO B 326 36.69 33.82 -9.63
CA PRO B 326 37.55 33.46 -10.78
C PRO B 326 37.92 34.58 -11.78
N LEU B 327 38.61 35.62 -11.31
CA LEU B 327 39.11 36.71 -12.14
C LEU B 327 40.27 37.40 -11.43
N ILE B 332 40.29 42.87 -12.69
CA ILE B 332 39.23 42.08 -13.33
C ILE B 332 37.96 42.00 -12.47
N LEU B 333 38.07 42.45 -11.22
CA LEU B 333 36.94 42.58 -10.27
C LEU B 333 37.33 43.50 -9.10
N LEU B 334 36.50 44.50 -8.82
CA LEU B 334 36.64 45.31 -7.59
C LEU B 334 36.14 44.44 -6.44
N HIS B 335 34.97 44.78 -5.89
CA HIS B 335 34.18 43.89 -5.02
C HIS B 335 34.91 43.21 -3.85
N ARG B 336 35.18 44.01 -2.82
CA ARG B 336 35.65 43.52 -1.53
C ARG B 336 34.76 44.08 -0.41
N SER B 337 34.96 45.36 -0.07
CA SER B 337 34.16 46.03 0.96
C SER B 337 32.81 46.41 0.38
N ARG B 338 31.73 46.26 1.16
CA ARG B 338 30.34 46.47 0.69
C ARG B 338 30.18 46.11 -0.79
N GLU B 339 29.11 46.55 -1.50
CA GLU B 339 29.03 46.41 -3.00
C GLU B 339 28.17 47.41 -3.84
N TYR B 340 28.44 47.40 -5.14
CA TYR B 340 27.59 47.92 -6.20
C TYR B 340 26.66 46.75 -6.63
N LEU B 341 27.12 45.54 -6.32
CA LEU B 341 26.40 44.30 -6.56
C LEU B 341 25.15 44.25 -5.69
N GLU B 342 25.28 44.68 -4.45
CA GLU B 342 24.15 44.83 -3.55
C GLU B 342 23.04 45.78 -4.03
N ASN B 343 23.38 47.03 -4.24
CA ASN B 343 22.37 48.04 -4.45
C ASN B 343 21.97 48.22 -5.90
N HIS B 344 22.75 47.67 -6.83
CA HIS B 344 22.37 47.73 -8.22
C HIS B 344 22.16 46.38 -8.88
N ILE B 345 21.86 45.38 -8.05
CA ILE B 345 21.51 44.04 -8.52
C ILE B 345 20.51 44.07 -9.66
N SER B 346 19.59 45.01 -9.59
CA SER B 346 18.51 45.06 -10.56
C SER B 346 19.02 45.26 -11.99
N GLU B 347 20.23 45.78 -12.16
CA GLU B 347 20.72 46.01 -13.52
C GLU B 347 21.56 44.86 -14.09
N PHE B 348 21.57 43.72 -13.37
CA PHE B 348 22.23 42.51 -13.82
C PHE B 348 21.28 41.56 -14.51
N SER B 349 21.80 40.82 -15.49
CA SER B 349 21.03 39.75 -16.09
C SER B 349 21.72 38.45 -15.87
N ILE B 350 21.00 37.36 -15.60
CA ILE B 350 21.68 36.07 -15.50
C ILE B 350 21.19 35.08 -16.55
N LEU B 351 22.11 34.29 -17.08
CA LEU B 351 21.75 33.21 -17.96
C LEU B 351 21.67 31.92 -17.16
N GLU B 352 20.54 31.24 -17.30
CA GLU B 352 20.45 29.89 -16.76
C GLU B 352 20.18 28.81 -17.81
N HIS B 353 20.77 27.65 -17.57
CA HIS B 353 20.50 26.47 -18.37
C HIS B 353 19.90 25.43 -17.41
N ASP B 354 18.64 25.03 -17.61
CA ASP B 354 18.04 23.88 -16.87
C ASP B 354 18.12 24.12 -15.38
N GLY B 355 17.96 25.38 -14.97
CA GLY B 355 18.02 25.75 -13.56
C GLY B 355 19.41 26.11 -13.06
N ASN B 356 20.45 25.83 -13.84
CA ASN B 356 21.83 26.21 -13.46
C ASN B 356 22.19 27.64 -13.93
N LEU B 357 22.59 28.51 -12.97
CA LEU B 357 23.07 29.88 -13.33
C LEU B 357 24.52 29.79 -13.75
N TYR B 358 24.75 29.93 -15.05
CA TYR B 358 26.06 29.76 -15.68
C TYR B 358 26.71 31.06 -16.10
N GLY B 359 25.92 32.12 -16.24
CA GLY B 359 26.48 33.42 -16.64
C GLY B 359 25.72 34.62 -16.16
N CYS B 360 26.36 35.79 -16.24
CA CYS B 360 25.67 37.04 -15.93
C CYS B 360 26.25 38.20 -16.73
N ALA B 361 25.55 39.32 -16.78
CA ALA B 361 26.08 40.54 -17.39
C ALA B 361 25.31 41.71 -16.83
N ALA B 362 25.93 42.88 -16.79
CA ALA B 362 25.24 44.09 -16.34
C ALA B 362 25.33 45.18 -17.40
N LEU B 363 24.28 45.97 -17.44
CA LEU B 363 24.25 47.19 -18.19
C LEU B 363 24.30 48.41 -17.26
N LYS B 364 25.38 49.18 -17.38
CA LYS B 364 25.56 50.37 -16.57
C LYS B 364 25.15 51.55 -17.44
N THR B 365 24.53 52.57 -16.82
CA THR B 365 24.05 53.72 -17.55
C THR B 365 24.60 55.03 -16.98
N PHE B 366 24.27 56.15 -17.65
CA PHE B 366 24.98 57.42 -17.46
C PHE B 366 24.08 58.65 -17.51
N ALA B 367 24.59 59.76 -16.98
CA ALA B 367 23.97 61.05 -17.17
C ALA B 367 23.76 61.32 -18.67
N GLU B 368 24.68 60.83 -19.48
CA GLU B 368 24.51 60.81 -20.95
C GLU B 368 23.55 59.70 -21.33
N ALA B 369 22.46 60.06 -21.99
CA ALA B 369 21.42 59.11 -22.38
C ALA B 369 21.77 58.17 -23.56
N ASP B 370 22.73 58.55 -24.39
CA ASP B 370 23.05 57.67 -25.53
C ASP B 370 24.11 56.62 -25.21
N CYS B 371 24.61 56.64 -23.97
CA CYS B 371 25.68 55.73 -23.54
C CYS B 371 25.28 54.65 -22.59
N GLY B 372 26.03 53.55 -22.69
CA GLY B 372 25.99 52.46 -21.75
C GLY B 372 27.26 51.60 -21.74
N GLU B 373 27.37 50.79 -20.70
CA GLU B 373 28.51 49.93 -20.53
C GLU B 373 28.05 48.55 -20.16
N ILE B 374 28.61 47.57 -20.88
CA ILE B 374 28.47 46.19 -20.50
C ILE B 374 29.57 45.93 -19.50
N ALA B 375 29.16 45.49 -18.33
CA ALA B 375 30.10 45.17 -17.29
C ALA B 375 29.82 43.75 -16.70
N CYS B 376 30.86 43.14 -16.15
CA CYS B 376 30.74 41.85 -15.48
C CYS B 376 30.28 40.68 -16.36
N LEU B 377 30.64 40.68 -17.62
CA LEU B 377 30.23 39.58 -18.46
C LEU B 377 31.10 38.42 -18.02
N ALA B 378 30.45 37.35 -17.60
CA ALA B 378 31.15 36.20 -17.06
C ALA B 378 30.33 34.99 -17.34
N VAL B 379 30.98 33.95 -17.84
CA VAL B 379 30.42 32.63 -17.97
C VAL B 379 31.38 31.62 -17.34
N SER B 380 30.88 30.79 -16.44
CA SER B 380 31.78 29.93 -15.66
C SER B 380 32.55 28.98 -16.58
N PRO B 381 33.80 28.65 -16.20
CA PRO B 381 34.62 27.84 -17.13
C PRO B 381 33.85 26.56 -17.50
N GLN B 382 33.16 26.01 -16.52
CA GLN B 382 32.28 24.85 -16.69
C GLN B 382 31.34 24.85 -17.89
N ALA B 383 30.83 26.01 -18.28
CA ALA B 383 29.81 26.08 -19.35
C ALA B 383 30.29 26.89 -20.50
N GLN B 384 31.60 27.10 -20.55
CA GLN B 384 32.19 28.09 -21.42
C GLN B 384 32.42 27.51 -22.80
N ASP B 385 32.48 28.39 -23.82
CA ASP B 385 32.72 28.01 -25.22
C ASP B 385 31.53 27.24 -25.82
N GLY B 386 30.34 27.69 -25.44
CA GLY B 386 29.08 27.00 -25.73
C GLY B 386 28.04 28.02 -26.15
N GLY B 387 28.48 29.24 -26.39
CA GLY B 387 27.61 30.28 -26.92
C GLY B 387 26.93 31.19 -25.90
N TYR B 388 27.09 30.91 -24.61
CA TYR B 388 26.37 31.67 -23.57
C TYR B 388 26.78 33.14 -23.46
N GLY B 389 28.08 33.43 -23.57
CA GLY B 389 28.57 34.80 -23.46
C GLY B 389 27.86 35.63 -24.52
N GLU B 390 27.89 35.09 -25.74
CA GLU B 390 27.39 35.82 -26.85
C GLU B 390 25.88 36.02 -26.65
N ARG B 391 25.21 35.03 -26.06
CA ARG B 391 23.77 35.19 -25.79
C ARG B 391 23.50 36.30 -24.79
N LEU B 392 24.38 36.41 -23.80
CA LEU B 392 24.32 37.50 -22.86
C LEU B 392 24.64 38.86 -23.52
N LEU B 393 25.62 38.90 -24.43
CA LEU B 393 25.93 40.15 -25.09
C LEU B 393 24.72 40.61 -25.93
N ALA B 394 24.15 39.68 -26.70
CA ALA B 394 22.95 39.95 -27.49
C ALA B 394 21.79 40.46 -26.61
N HIS B 395 21.63 39.86 -25.44
CA HIS B 395 20.56 40.25 -24.55
C HIS B 395 20.75 41.69 -24.06
N ILE B 396 21.98 42.02 -23.63
CA ILE B 396 22.16 43.35 -23.08
C ILE B 396 22.18 44.43 -24.18
N ILE B 397 22.62 44.11 -25.40
CA ILE B 397 22.47 45.15 -26.41
C ILE B 397 20.99 45.45 -26.70
N ASP B 398 20.12 44.43 -26.61
CA ASP B 398 18.67 44.61 -26.73
C ASP B 398 18.05 45.44 -25.63
N LYS B 399 18.46 45.16 -24.39
CA LYS B 399 18.05 45.99 -23.28
C LYS B 399 18.48 47.44 -23.55
N ALA B 400 19.73 47.62 -24.03
CA ALA B 400 20.31 48.96 -24.21
C ALA B 400 19.64 49.70 -25.34
N ARG B 401 19.38 49.01 -26.43
CA ARG B 401 18.67 49.59 -27.54
C ARG B 401 17.24 49.95 -27.08
N GLY B 402 16.60 49.07 -26.32
CA GLY B 402 15.25 49.31 -25.79
C GLY B 402 15.13 50.61 -24.99
N ILE B 403 16.24 51.13 -24.53
CA ILE B 403 16.20 52.40 -23.81
C ILE B 403 16.97 53.55 -24.48
N GLY B 404 17.14 53.50 -25.80
CA GLY B 404 18.02 54.44 -26.49
C GLY B 404 19.42 53.90 -26.27
N ILE B 405 20.41 54.73 -26.13
CA ILE B 405 21.77 54.18 -26.04
C ILE B 405 22.12 53.62 -27.39
N SER B 406 23.12 54.22 -27.98
CA SER B 406 23.51 53.90 -29.32
C SER B 406 24.99 53.50 -29.29
N ARG B 407 25.66 53.83 -28.19
CA ARG B 407 27.02 53.45 -27.96
C ARG B 407 27.15 52.64 -26.71
N LEU B 408 27.61 51.41 -26.87
CA LEU B 408 27.87 50.52 -25.76
C LEU B 408 29.39 50.28 -25.59
N PHE B 409 29.88 50.57 -24.40
CA PHE B 409 31.27 50.42 -24.10
C PHE B 409 31.60 49.14 -23.33
N ALA B 410 32.80 48.64 -23.59
CA ALA B 410 33.35 47.60 -22.74
C ALA B 410 34.77 47.98 -22.39
N LEU B 411 35.10 48.03 -21.11
CA LEU B 411 36.48 48.28 -20.72
C LEU B 411 36.99 47.05 -20.01
N SER B 412 38.09 46.51 -20.50
CA SER B 412 38.54 45.21 -20.04
C SER B 412 40.01 45.10 -20.27
N THR B 413 40.64 44.44 -19.32
CA THR B 413 42.08 44.31 -19.31
C THR B 413 42.58 43.05 -19.99
N ASN B 414 41.68 42.12 -20.32
CA ASN B 414 42.11 40.89 -20.99
C ASN B 414 41.14 40.33 -22.03
N THR B 415 39.87 40.62 -21.83
CA THR B 415 38.80 40.08 -22.67
C THR B 415 38.51 40.93 -23.91
N GLY B 416 39.47 41.77 -24.29
CA GLY B 416 39.26 42.68 -25.43
C GLY B 416 39.06 41.94 -26.75
N GLU B 417 39.84 40.87 -26.98
CA GLU B 417 39.78 40.18 -28.26
C GLU B 417 38.40 39.63 -28.54
N TRP B 418 37.76 39.09 -27.51
CA TRP B 418 36.40 38.57 -27.63
C TRP B 418 35.41 39.62 -28.13
N PHE B 419 35.41 40.81 -27.52
CA PHE B 419 34.52 41.89 -27.91
C PHE B 419 34.95 42.47 -29.24
N ALA B 420 36.25 42.45 -29.50
CA ALA B 420 36.78 42.98 -30.74
C ALA B 420 36.35 42.10 -31.89
N GLU B 421 36.11 40.82 -31.61
CA GLU B 421 35.72 39.87 -32.66
C GLU B 421 34.22 39.87 -32.89
N ARG B 422 33.54 40.73 -32.13
CA ARG B 422 32.10 40.66 -31.97
C ARG B 422 31.53 42.09 -32.14
N GLY B 423 32.15 42.85 -33.03
CA GLY B 423 31.69 44.21 -33.34
C GLY B 423 32.16 45.39 -32.49
N PHE B 424 33.05 45.18 -31.53
CA PHE B 424 33.57 46.34 -30.77
C PHE B 424 34.89 46.84 -31.40
N GLN B 425 34.95 48.15 -31.66
CA GLN B 425 36.19 48.78 -32.11
C GLN B 425 36.86 49.51 -30.93
N THR B 426 38.19 49.62 -30.98
CA THR B 426 38.85 50.34 -29.91
C THR B 426 38.46 51.81 -30.00
N ALA B 427 38.34 52.42 -28.82
CA ALA B 427 37.87 53.78 -28.66
C ALA B 427 38.84 54.52 -27.77
N SER B 428 38.80 55.83 -27.78
CA SER B 428 39.71 56.57 -26.92
C SER B 428 38.95 57.07 -25.72
N GLU B 429 39.69 57.38 -24.66
CA GLU B 429 39.09 57.81 -23.41
C GLU B 429 38.20 59.01 -23.65
N ASP B 430 38.59 59.83 -24.63
CA ASP B 430 37.82 61.00 -24.99
C ASP B 430 36.43 60.67 -25.50
N GLU B 431 36.07 59.41 -25.52
CA GLU B 431 34.75 59.09 -26.00
C GLU B 431 33.86 58.65 -24.86
N LEU B 432 34.49 58.21 -23.77
CA LEU B 432 33.84 57.87 -22.53
C LEU B 432 32.85 58.92 -22.01
N PRO B 433 31.80 58.48 -21.31
CA PRO B 433 31.00 59.38 -20.50
C PRO B 433 31.84 59.98 -19.38
N GLU B 434 31.49 61.21 -18.98
CA GLU B 434 32.20 61.98 -17.96
C GLU B 434 32.66 61.07 -16.82
N THR B 435 31.72 60.64 -15.98
CA THR B 435 31.97 59.73 -14.84
C THR B 435 32.84 58.51 -15.16
N ARG B 436 32.67 57.91 -16.33
CA ARG B 436 33.49 56.79 -16.68
C ARG B 436 34.91 57.22 -16.96
N ARG B 437 35.11 58.36 -17.63
CA ARG B 437 36.47 58.81 -17.89
C ARG B 437 37.16 59.14 -16.58
N LYS B 438 36.39 59.69 -15.65
CA LYS B 438 36.93 60.04 -14.37
C LYS B 438 37.45 58.77 -13.73
N ASP B 439 36.61 57.75 -13.66
CA ASP B 439 36.99 56.45 -13.06
C ASP B 439 38.22 55.83 -13.69
N TYR B 440 38.22 55.75 -15.01
CA TYR B 440 39.29 55.16 -15.77
C TYR B 440 40.65 55.76 -15.40
N ARG B 441 40.63 56.86 -14.66
CA ARG B 441 41.84 57.33 -13.93
C ARG B 441 41.73 57.49 -12.39
N ASN B 446 42.23 51.32 -16.12
CA ASN B 446 43.22 51.58 -17.19
C ASN B 446 43.69 50.40 -18.06
N SER B 447 42.75 49.91 -18.86
CA SER B 447 42.96 48.96 -19.91
C SER B 447 42.18 49.35 -21.15
N HIS B 448 41.84 48.35 -21.98
CA HIS B 448 41.34 48.55 -23.34
C HIS B 448 39.96 49.11 -23.32
N ILE B 449 39.77 50.23 -24.01
CA ILE B 449 38.47 50.82 -24.11
C ILE B 449 37.86 50.56 -25.50
N LEU B 450 36.80 49.76 -25.55
CA LEU B 450 36.11 49.39 -26.81
C LEU B 450 34.63 49.80 -26.81
N VAL B 451 34.10 50.14 -27.98
CA VAL B 451 32.72 50.54 -28.17
C VAL B 451 32.15 49.82 -29.37
N ARG B 452 30.82 49.76 -29.40
CA ARG B 452 30.09 49.27 -30.51
C ARG B 452 28.85 50.15 -30.65
N ARG B 453 28.56 50.55 -31.88
CA ARG B 453 27.48 51.44 -32.13
C ARG B 453 26.25 50.55 -32.30
N LEU B 454 25.10 50.97 -31.80
CA LEU B 454 23.92 50.15 -31.90
C LEU B 454 22.83 50.71 -32.83
N HIS B 455 21.93 49.85 -33.27
CA HIS B 455 20.86 50.30 -34.13
C HIS B 455 19.56 50.54 -33.37
N ARG B 456 19.23 51.82 -33.21
CA ARG B 456 17.96 52.26 -32.60
C ARG B 456 16.72 51.89 -33.43
#